data_4YFG
#
_entry.id   4YFG
#
_cell.length_a   70.491
_cell.length_b   72.628
_cell.length_c   94.407
_cell.angle_alpha   107.65
_cell.angle_beta   94.44
_cell.angle_gamma   108.47
#
_symmetry.space_group_name_H-M   'P 1'
#
loop_
_entity.id
_entity.type
_entity.pdbx_description
1 polymer 'Receptor-type tyrosine-protein phosphatase delta'
2 non-polymer 2-acetamido-2-deoxy-beta-D-glucopyranose
#
_entity_poly.entity_id   1
_entity_poly.type   'polypeptide(L)'
_entity_poly.pdbx_seq_one_letter_code
;ETPPRFTRTPVDQTGVSGGVASFICQATGDPRPKIVWNKKGKKVSNQRFEVIEFDDGSGSVLRIQPLRTPRDEAIYECVA
SNNVGEISVSTRLTVLREDQIPRGFPTIDMGPQLKVVERTRTATMLCAASGNPDPEITWFKDFLPVDTSNNNGRIKQLRS
ESIGALQIEQSEESDQGKYECVATNSAGTRYSAPANLYVRVRRVPPRFSIPPTNHEIMPGGSVNITCVAVGSPMPYVKWM
LGAEDLTPEDDMPIGRNVLELNDVRQSANYTCVAMSTLGVIEAIAQITVKALPKPPGTPVVTESTATSITLTWDSGNPEP
VSYYIIQHKPKNSEEPYKEIDGIATTRYSVAGLSPYSDYEFRVVAVNNIGRGPASEPVLTQTSEQAPSSAPRDVQARMLS
STTILVQWKEPEEPNGQIQGYRVYYTMDPTQHVNNWMKHNVADSQITTIGNLVPQKTYSVKVLAFTSIGDGPLSSDIQVI
TKHHHHHH
;
_entity_poly.pdbx_strand_id   B,A
#
# COMPACT_ATOMS: atom_id res chain seq x y z
N GLU A 1 -20.82 -33.37 -7.12
CA GLU A 1 -20.58 -32.59 -5.90
C GLU A 1 -20.06 -33.48 -4.78
N THR A 2 -19.05 -32.98 -4.07
CA THR A 2 -18.52 -33.66 -2.90
C THR A 2 -18.51 -32.73 -1.70
N PRO A 3 -18.75 -33.28 -0.50
CA PRO A 3 -18.74 -32.46 0.71
C PRO A 3 -17.33 -32.03 1.11
N PRO A 4 -17.21 -30.95 1.91
CA PRO A 4 -15.88 -30.43 2.24
C PRO A 4 -15.09 -31.40 3.11
N ARG A 5 -13.79 -31.52 2.86
CA ARG A 5 -12.92 -32.35 3.69
C ARG A 5 -11.60 -31.67 3.96
N PHE A 6 -11.10 -31.80 5.18
CA PHE A 6 -9.91 -31.07 5.61
C PHE A 6 -8.63 -31.64 5.02
N THR A 7 -7.84 -30.76 4.41
CA THR A 7 -6.50 -31.12 3.97
C THR A 7 -5.49 -30.67 5.01
N ARG A 8 -5.82 -29.58 5.72
CA ARG A 8 -4.95 -29.05 6.76
C ARG A 8 -5.74 -28.44 7.92
N THR A 9 -5.57 -29.01 9.11
CA THR A 9 -6.26 -28.53 10.31
C THR A 9 -5.32 -27.70 11.18
N PRO A 10 -5.86 -26.65 11.83
CA PRO A 10 -5.07 -25.83 12.74
C PRO A 10 -4.63 -26.58 13.99
N VAL A 11 -3.46 -26.24 14.50
CA VAL A 11 -2.95 -26.84 15.72
C VAL A 11 -3.00 -25.86 16.88
N ASP A 12 -3.12 -26.39 18.10
CA ASP A 12 -3.01 -25.58 19.30
C ASP A 12 -1.72 -24.75 19.27
N GLN A 13 -1.75 -23.61 19.95
CA GLN A 13 -0.60 -22.72 19.96
C GLN A 13 -0.40 -22.03 21.30
N THR A 14 0.85 -21.65 21.56
CA THR A 14 1.18 -20.92 22.78
C THR A 14 2.09 -19.74 22.43
N GLY A 15 1.48 -18.57 22.29
CA GLY A 15 2.22 -17.38 21.88
C GLY A 15 2.57 -16.49 23.06
N VAL A 16 3.14 -15.34 22.75
CA VAL A 16 3.59 -14.40 23.77
C VAL A 16 2.95 -13.03 23.53
N SER A 17 2.52 -12.40 24.63
CA SER A 17 1.79 -11.13 24.59
C SER A 17 2.47 -10.07 23.72
N GLY A 18 1.67 -9.37 22.92
CA GLY A 18 2.19 -8.41 21.97
C GLY A 18 3.00 -9.09 20.88
N GLY A 19 2.51 -10.23 20.41
CA GLY A 19 3.17 -10.94 19.33
C GLY A 19 2.17 -11.42 18.30
N VAL A 20 2.54 -12.45 17.53
CA VAL A 20 1.66 -12.96 16.50
C VAL A 20 1.28 -14.41 16.76
N ALA A 21 0.05 -14.76 16.40
CA ALA A 21 -0.36 -16.16 16.31
C ALA A 21 -1.10 -16.37 14.99
N SER A 22 -0.78 -17.46 14.31
CA SER A 22 -1.49 -17.81 13.08
C SER A 22 -2.16 -19.17 13.17
N PHE A 23 -3.34 -19.28 12.59
CA PHE A 23 -4.05 -20.54 12.52
C PHE A 23 -4.34 -20.86 11.07
N ILE A 24 -4.13 -22.11 10.68
CA ILE A 24 -4.25 -22.49 9.28
C ILE A 24 -5.34 -23.53 9.09
N CYS A 25 -6.21 -23.30 8.11
CA CYS A 25 -7.27 -24.24 7.80
C CYS A 25 -7.46 -24.35 6.30
N GLN A 26 -7.21 -25.54 5.76
CA GLN A 26 -7.41 -25.81 4.35
C GLN A 26 -8.34 -27.01 4.15
N ALA A 27 -9.22 -26.91 3.15
CA ALA A 27 -10.19 -27.98 2.89
C ALA A 27 -10.52 -28.08 1.40
N THR A 28 -10.92 -29.28 0.99
CA THR A 28 -11.29 -29.53 -0.41
C THR A 28 -12.72 -30.03 -0.54
N GLY A 29 -13.40 -29.62 -1.61
CA GLY A 29 -14.75 -30.07 -1.87
C GLY A 29 -15.38 -29.42 -3.09
N ASP A 30 -16.46 -30.02 -3.58
CA ASP A 30 -17.21 -29.47 -4.72
C ASP A 30 -18.65 -29.13 -4.32
N PRO A 31 -19.04 -27.85 -4.39
CA PRO A 31 -18.22 -26.72 -4.85
C PRO A 31 -17.20 -26.27 -3.81
N ARG A 32 -16.44 -25.22 -4.10
CA ARG A 32 -15.39 -24.78 -3.19
C ARG A 32 -15.98 -24.37 -1.86
N PRO A 33 -15.52 -25.01 -0.78
CA PRO A 33 -15.96 -24.68 0.58
C PRO A 33 -15.61 -23.26 0.97
N LYS A 34 -16.49 -22.60 1.72
CA LYS A 34 -16.11 -21.35 2.36
C LYS A 34 -15.54 -21.68 3.74
N ILE A 35 -14.59 -20.90 4.20
CA ILE A 35 -14.05 -21.10 5.54
C ILE A 35 -14.41 -19.93 6.45
N VAL A 36 -14.89 -20.27 7.64
CA VAL A 36 -15.29 -19.28 8.62
C VAL A 36 -14.67 -19.63 9.96
N TRP A 37 -14.15 -18.61 10.64
CA TRP A 37 -13.50 -18.80 11.93
C TRP A 37 -14.46 -18.43 13.05
N ASN A 38 -14.65 -19.34 13.99
CA ASN A 38 -15.57 -19.11 15.09
C ASN A 38 -14.90 -19.11 16.45
N LYS A 39 -15.27 -18.15 17.29
CA LYS A 39 -15.01 -18.26 18.72
C LYS A 39 -16.33 -18.46 19.46
N LYS A 40 -16.48 -19.63 20.09
CA LYS A 40 -17.75 -20.09 20.65
C LYS A 40 -18.95 -19.82 19.74
N GLY A 41 -19.11 -20.63 18.70
CA GLY A 41 -20.25 -20.54 17.81
C GLY A 41 -20.37 -19.26 16.99
N LYS A 42 -19.65 -18.20 17.40
CA LYS A 42 -19.78 -16.91 16.76
C LYS A 42 -18.58 -16.63 15.87
N LYS A 43 -18.86 -16.16 14.66
CA LYS A 43 -17.80 -15.66 13.79
C LYS A 43 -17.00 -14.57 14.50
N VAL A 44 -15.68 -14.68 14.44
CA VAL A 44 -14.82 -13.75 15.15
C VAL A 44 -14.64 -12.54 14.28
N SER A 45 -14.90 -11.37 14.83
CA SER A 45 -14.82 -10.15 14.04
C SER A 45 -13.66 -9.29 14.47
N ASN A 46 -12.86 -8.96 13.46
CA ASN A 46 -11.58 -8.30 13.58
C ASN A 46 -11.41 -7.25 14.67
N GLN A 47 -10.83 -7.68 15.79
CA GLN A 47 -10.36 -6.74 16.78
C GLN A 47 -9.14 -6.19 16.05
N ARG A 48 -8.01 -6.85 16.25
CA ARG A 48 -6.84 -6.66 15.40
C ARG A 48 -6.70 -7.93 14.54
N PHE A 49 -7.62 -8.88 14.77
CA PHE A 49 -7.71 -10.15 14.05
C PHE A 49 -7.76 -10.00 12.53
N GLU A 50 -7.00 -10.82 11.81
CA GLU A 50 -7.07 -10.79 10.35
C GLU A 50 -7.17 -12.17 9.73
N VAL A 51 -8.15 -12.36 8.85
CA VAL A 51 -8.30 -13.59 8.09
C VAL A 51 -7.74 -13.41 6.68
N ILE A 52 -6.69 -14.16 6.36
CA ILE A 52 -6.03 -14.04 5.07
C ILE A 52 -6.28 -15.27 4.23
N GLU A 53 -6.64 -15.06 2.96
CA GLU A 53 -7.03 -16.18 2.10
C GLU A 53 -5.94 -16.62 1.15
N PHE A 54 -5.86 -17.92 0.95
CA PHE A 54 -4.97 -18.50 -0.05
C PHE A 54 -5.47 -18.14 -1.45
N ASP A 55 -4.54 -17.93 -2.37
CA ASP A 55 -4.87 -17.53 -3.74
C ASP A 55 -5.71 -18.57 -4.47
N ASP A 56 -5.68 -19.80 -3.99
CA ASP A 56 -6.43 -20.89 -4.60
C ASP A 56 -7.74 -21.15 -3.87
N GLY A 57 -8.00 -20.37 -2.82
CA GLY A 57 -9.20 -20.51 -2.04
C GLY A 57 -9.26 -21.84 -1.30
N SER A 58 -8.11 -22.48 -1.14
CA SER A 58 -8.02 -23.76 -0.46
C SER A 58 -8.40 -23.63 1.02
N GLY A 59 -8.40 -22.40 1.50
CA GLY A 59 -8.69 -22.11 2.89
C GLY A 59 -8.12 -20.77 3.28
N SER A 60 -7.92 -20.55 4.57
CA SER A 60 -7.50 -19.24 5.04
C SER A 60 -6.64 -19.31 6.30
N VAL A 61 -5.97 -18.21 6.61
CA VAL A 61 -5.18 -18.10 7.82
C VAL A 61 -5.82 -17.09 8.77
N LEU A 62 -6.00 -17.48 10.02
CA LEU A 62 -6.44 -16.53 11.05
C LEU A 62 -5.22 -15.97 11.77
N ARG A 63 -5.00 -14.67 11.64
CA ARG A 63 -3.82 -14.05 12.21
C ARG A 63 -4.17 -13.07 13.32
N ILE A 64 -3.57 -13.28 14.49
CA ILE A 64 -3.78 -12.43 15.65
C ILE A 64 -2.54 -11.64 16.04
N GLN A 65 -2.57 -10.34 15.78
CA GLN A 65 -1.44 -9.47 16.08
C GLN A 65 -1.94 -8.07 16.41
N PRO A 66 -1.47 -7.50 17.53
CA PRO A 66 -0.57 -8.11 18.52
C PRO A 66 -1.33 -8.91 19.58
N LEU A 67 -0.71 -9.98 20.07
CA LEU A 67 -1.36 -10.84 21.06
C LEU A 67 -1.62 -10.13 22.38
N ARG A 68 -2.87 -10.21 22.83
CA ARG A 68 -3.28 -9.65 24.11
C ARG A 68 -3.89 -10.70 25.05
N THR A 69 -3.44 -10.72 26.29
CA THR A 69 -3.85 -11.74 27.25
C THR A 69 -4.55 -11.08 28.43
N PRO A 70 -5.51 -11.80 29.06
CA PRO A 70 -6.06 -13.09 28.64
C PRO A 70 -7.33 -12.96 27.79
N ARG A 71 -7.53 -11.85 27.09
CA ARG A 71 -8.67 -11.71 26.19
C ARG A 71 -8.69 -12.78 25.11
N ASP A 72 -7.56 -12.92 24.42
CA ASP A 72 -7.46 -13.76 23.24
C ASP A 72 -7.41 -15.25 23.62
N GLU A 73 -7.00 -15.51 24.86
CA GLU A 73 -6.93 -16.87 25.38
C GLU A 73 -8.29 -17.56 25.30
N ALA A 74 -8.49 -18.40 24.29
CA ALA A 74 -9.80 -19.02 24.05
C ALA A 74 -9.74 -20.19 23.08
N ILE A 75 -10.84 -20.94 23.02
CA ILE A 75 -11.01 -21.99 22.01
C ILE A 75 -11.63 -21.44 20.74
N TYR A 76 -10.93 -21.59 19.63
CA TYR A 76 -11.41 -21.13 18.33
C TYR A 76 -11.72 -22.34 17.47
N GLU A 77 -12.37 -22.13 16.33
CA GLU A 77 -12.64 -23.25 15.42
C GLU A 77 -12.79 -22.82 13.96
N CYS A 78 -12.42 -23.73 13.07
CA CYS A 78 -12.55 -23.56 11.63
C CYS A 78 -13.75 -24.32 11.12
N VAL A 79 -14.63 -23.65 10.37
CA VAL A 79 -15.77 -24.34 9.77
C VAL A 79 -15.75 -24.23 8.25
N ALA A 80 -15.69 -25.38 7.59
CA ALA A 80 -15.70 -25.44 6.13
C ALA A 80 -17.04 -25.95 5.63
N SER A 81 -17.62 -25.27 4.64
CA SER A 81 -18.97 -25.59 4.21
C SER A 81 -19.27 -25.27 2.74
N ASN A 82 -19.96 -26.21 2.09
CA ASN A 82 -20.61 -25.97 0.82
C ASN A 82 -22.03 -26.52 0.92
N ASN A 83 -22.81 -26.42 -0.15
CA ASN A 83 -24.18 -26.91 -0.12
C ASN A 83 -24.27 -28.44 -0.21
N VAL A 84 -23.20 -29.11 0.20
CA VAL A 84 -23.14 -30.57 0.15
C VAL A 84 -22.78 -31.13 1.53
N GLY A 85 -22.27 -30.28 2.41
CA GLY A 85 -21.84 -30.70 3.73
C GLY A 85 -21.11 -29.64 4.52
N GLU A 86 -20.68 -29.99 5.73
CA GLU A 86 -20.06 -29.06 6.65
C GLU A 86 -19.15 -29.76 7.65
N ILE A 87 -17.98 -29.19 7.91
CA ILE A 87 -17.06 -29.77 8.88
C ILE A 87 -16.42 -28.69 9.74
N SER A 88 -16.05 -29.05 10.96
CA SER A 88 -15.32 -28.12 11.81
C SER A 88 -14.27 -28.78 12.70
N VAL A 89 -13.24 -28.01 13.02
CA VAL A 89 -12.19 -28.45 13.93
C VAL A 89 -11.87 -27.32 14.90
N SER A 90 -11.70 -27.67 16.18
CA SER A 90 -11.42 -26.67 17.19
C SER A 90 -9.92 -26.56 17.44
N THR A 91 -9.52 -25.52 18.16
CA THR A 91 -8.12 -25.27 18.47
C THR A 91 -8.01 -24.27 19.62
N ARG A 92 -6.95 -24.38 20.40
CA ARG A 92 -6.79 -23.55 21.57
C ARG A 92 -5.65 -22.54 21.39
N LEU A 93 -5.84 -21.35 21.92
CA LEU A 93 -4.81 -20.32 21.86
C LEU A 93 -4.36 -20.00 23.28
N THR A 94 -3.05 -20.06 23.50
CA THR A 94 -2.50 -19.70 24.80
C THR A 94 -1.53 -18.53 24.61
N VAL A 95 -1.71 -17.49 25.41
CA VAL A 95 -0.82 -16.33 25.35
C VAL A 95 -0.16 -16.09 26.70
N LEU A 96 1.15 -15.86 26.68
CA LEU A 96 1.91 -15.66 27.91
C LEU A 96 2.46 -14.24 28.02
N ARG A 97 2.78 -13.85 29.24
CA ARG A 97 3.55 -12.63 29.48
C ARG A 97 5.03 -12.99 29.61
N GLU A 98 5.90 -12.11 29.14
CA GLU A 98 7.33 -12.37 29.24
C GLU A 98 7.82 -12.22 30.68
N ASP A 99 6.97 -11.66 31.53
CA ASP A 99 7.15 -11.76 32.97
C ASP A 99 7.19 -13.24 33.36
N GLN A 100 6.40 -14.04 32.64
CA GLN A 100 6.25 -15.46 32.94
C GLN A 100 6.56 -16.36 31.73
N ILE A 101 7.49 -15.94 30.89
CA ILE A 101 7.93 -16.78 29.78
C ILE A 101 8.91 -17.82 30.29
N PRO A 102 8.60 -19.10 30.07
CA PRO A 102 9.40 -20.24 30.53
C PRO A 102 10.82 -20.22 29.98
N ARG A 103 11.77 -20.74 30.75
CA ARG A 103 13.11 -20.94 30.22
C ARG A 103 13.02 -22.03 29.16
N GLY A 104 13.77 -21.85 28.08
CA GLY A 104 13.72 -22.79 26.97
C GLY A 104 12.66 -22.44 25.94
N PHE A 105 11.94 -21.34 26.16
CA PHE A 105 10.96 -20.86 25.20
C PHE A 105 11.71 -20.26 24.03
N PRO A 106 11.21 -20.46 22.79
CA PRO A 106 11.91 -20.05 21.58
C PRO A 106 12.23 -18.56 21.53
N THR A 107 13.46 -18.24 21.11
CA THR A 107 13.89 -16.86 20.98
C THR A 107 14.57 -16.62 19.64
N ILE A 108 14.27 -15.49 19.02
CA ILE A 108 14.90 -15.15 17.75
C ILE A 108 16.27 -14.51 18.02
N ASP A 109 17.33 -15.18 17.58
CA ASP A 109 18.69 -14.67 17.80
C ASP A 109 19.11 -13.75 16.67
N MET A 110 18.53 -13.98 15.51
CA MET A 110 18.69 -13.10 14.36
C MET A 110 17.56 -13.38 13.40
N GLY A 111 16.91 -12.33 12.92
CA GLY A 111 15.74 -12.51 12.08
C GLY A 111 16.10 -12.12 10.67
N PRO A 112 15.20 -12.38 9.71
CA PRO A 112 15.54 -12.09 8.31
C PRO A 112 15.78 -10.61 8.09
N GLN A 113 16.56 -10.28 7.07
CA GLN A 113 16.96 -8.90 6.82
C GLN A 113 16.50 -8.50 5.43
N LEU A 114 16.28 -7.21 5.22
CA LEU A 114 15.87 -6.73 3.92
C LEU A 114 16.94 -7.10 2.89
N LYS A 115 16.48 -7.50 1.71
CA LYS A 115 17.37 -7.99 0.67
C LYS A 115 16.85 -7.52 -0.68
N VAL A 116 17.76 -7.20 -1.58
CA VAL A 116 17.37 -6.78 -2.92
C VAL A 116 18.10 -7.62 -3.95
N VAL A 117 17.38 -8.57 -4.52
CA VAL A 117 17.92 -9.42 -5.56
C VAL A 117 17.25 -9.02 -6.87
N GLU A 118 17.97 -9.15 -7.97
CA GLU A 118 17.36 -8.84 -9.25
C GLU A 118 16.70 -10.09 -9.78
N ARG A 119 15.84 -9.94 -10.78
CA ARG A 119 15.01 -11.04 -11.22
C ARG A 119 15.86 -12.21 -11.74
N THR A 120 15.37 -13.42 -11.50
CA THR A 120 16.00 -14.68 -11.91
C THR A 120 17.31 -14.97 -11.16
N ARG A 121 17.51 -14.29 -10.04
CA ARG A 121 18.60 -14.63 -9.14
C ARG A 121 18.10 -14.98 -7.75
N THR A 122 18.75 -15.96 -7.14
CA THR A 122 18.23 -16.55 -5.91
C THR A 122 18.59 -15.74 -4.68
N ALA A 123 17.60 -15.35 -3.89
CA ALA A 123 17.85 -14.68 -2.61
C ALA A 123 17.55 -15.66 -1.48
N THR A 124 18.34 -15.58 -0.41
CA THR A 124 18.14 -16.44 0.74
C THR A 124 17.96 -15.60 2.01
N MET A 125 16.90 -15.90 2.74
CA MET A 125 16.58 -15.17 3.96
C MET A 125 16.94 -16.07 5.14
N LEU A 126 17.56 -15.49 6.17
CA LEU A 126 18.17 -16.31 7.21
C LEU A 126 17.53 -16.08 8.57
N CYS A 127 17.48 -17.14 9.36
CA CYS A 127 16.90 -17.08 10.70
C CYS A 127 17.68 -17.95 11.69
N ALA A 128 18.26 -17.32 12.70
CA ALA A 128 18.91 -18.04 13.79
C ALA A 128 18.05 -17.93 15.05
N ALA A 129 17.69 -19.07 15.62
CA ALA A 129 16.84 -19.08 16.81
C ALA A 129 17.25 -20.18 17.80
N SER A 130 17.09 -19.91 19.08
CA SER A 130 17.36 -20.91 20.10
C SER A 130 16.17 -21.12 21.03
N GLY A 131 16.27 -22.15 21.86
CA GLY A 131 15.21 -22.54 22.77
C GLY A 131 15.49 -23.94 23.30
N ASN A 132 14.80 -24.32 24.37
CA ASN A 132 14.93 -25.68 24.90
C ASN A 132 13.55 -26.28 25.19
N PRO A 133 13.19 -27.37 24.49
CA PRO A 133 13.95 -28.09 23.43
C PRO A 133 14.15 -27.26 22.17
N ASP A 134 15.03 -27.72 21.28
CA ASP A 134 15.39 -26.96 20.08
C ASP A 134 14.18 -26.64 19.23
N PRO A 135 14.08 -25.37 18.81
CA PRO A 135 12.91 -24.85 18.08
C PRO A 135 12.87 -25.33 16.63
N GLU A 136 11.66 -25.56 16.11
CA GLU A 136 11.49 -25.88 14.70
C GLU A 136 11.21 -24.59 13.94
N ILE A 137 11.94 -24.39 12.85
CA ILE A 137 11.83 -23.15 12.10
C ILE A 137 10.91 -23.29 10.89
N THR A 138 9.97 -22.35 10.77
CA THR A 138 9.03 -22.33 9.66
C THR A 138 9.02 -20.92 9.08
N TRP A 139 8.39 -20.76 7.93
CA TRP A 139 8.37 -19.45 7.29
C TRP A 139 6.97 -19.05 6.83
N PHE A 140 6.73 -17.74 6.86
CA PHE A 140 5.49 -17.16 6.38
C PHE A 140 5.79 -16.07 5.36
N LYS A 141 5.04 -16.05 4.26
CA LYS A 141 5.14 -14.97 3.30
C LYS A 141 3.80 -14.28 3.16
N ASP A 142 3.83 -12.96 3.30
CA ASP A 142 2.61 -12.14 3.30
C ASP A 142 1.49 -12.76 4.11
N PHE A 143 1.84 -13.25 5.31
CA PHE A 143 0.91 -13.76 6.31
C PHE A 143 0.48 -15.20 6.02
N LEU A 144 0.67 -15.65 4.79
CA LEU A 144 0.41 -17.04 4.43
C LEU A 144 1.64 -17.90 4.68
N PRO A 145 1.44 -19.16 5.08
CA PRO A 145 2.57 -20.05 5.33
C PRO A 145 3.28 -20.44 4.04
N VAL A 146 4.60 -20.57 4.10
CA VAL A 146 5.36 -20.91 2.90
C VAL A 146 5.49 -22.41 2.81
N ASP A 147 5.02 -22.96 1.68
CA ASP A 147 4.99 -24.40 1.51
C ASP A 147 6.28 -24.91 0.88
N THR A 148 7.09 -25.60 1.68
CA THR A 148 8.31 -26.21 1.19
C THR A 148 8.14 -27.71 1.28
N SER A 149 6.87 -28.13 1.37
CA SER A 149 6.49 -29.52 1.58
C SER A 149 7.16 -30.41 0.54
N ASN A 150 7.00 -30.06 -0.73
CA ASN A 150 7.73 -30.77 -1.78
C ASN A 150 9.22 -30.49 -1.66
N ASN A 151 9.98 -31.53 -1.31
CA ASN A 151 11.43 -31.51 -1.37
C ASN A 151 11.92 -31.16 -2.78
N ASN A 152 11.05 -31.43 -3.75
CA ASN A 152 11.36 -31.33 -5.18
C ASN A 152 11.13 -29.95 -5.80
N GLY A 153 11.05 -28.91 -4.97
CA GLY A 153 10.61 -27.61 -5.46
C GLY A 153 11.66 -26.53 -5.58
N ARG A 154 11.24 -25.37 -6.10
CA ARG A 154 12.05 -24.16 -6.10
C ARG A 154 12.47 -23.76 -4.70
N ILE A 155 11.54 -23.91 -3.76
CA ILE A 155 11.68 -23.32 -2.43
C ILE A 155 11.92 -24.39 -1.37
N LYS A 156 13.11 -24.37 -0.77
CA LYS A 156 13.52 -25.40 0.18
C LYS A 156 14.04 -24.82 1.50
N GLN A 157 13.69 -25.47 2.60
CA GLN A 157 14.19 -25.10 3.92
C GLN A 157 15.52 -25.80 4.25
N LEU A 158 16.52 -25.01 4.59
CA LEU A 158 17.81 -25.54 5.05
C LEU A 158 17.91 -25.52 6.57
N ARG A 159 18.53 -26.55 7.14
CA ARG A 159 18.84 -26.53 8.57
C ARG A 159 20.26 -26.98 8.97
N SER A 160 20.92 -26.15 9.77
CA SER A 160 22.13 -26.54 10.48
C SER A 160 21.88 -26.35 11.98
N GLU A 161 22.93 -26.43 12.78
CA GLU A 161 22.81 -26.17 14.22
C GLU A 161 22.41 -24.70 14.43
N SER A 162 21.31 -24.51 15.18
CA SER A 162 20.82 -23.23 15.70
C SER A 162 20.30 -22.29 14.59
N ILE A 163 20.21 -22.80 13.36
CA ILE A 163 19.73 -21.97 12.26
C ILE A 163 18.75 -22.69 11.34
N GLY A 164 17.91 -21.90 10.67
CA GLY A 164 17.17 -22.37 9.52
C GLY A 164 17.28 -21.31 8.45
N ALA A 165 16.78 -21.58 7.26
CA ALA A 165 16.85 -20.61 6.18
C ALA A 165 15.76 -20.87 5.16
N LEU A 166 15.56 -19.92 4.26
CA LEU A 166 14.63 -20.12 3.17
C LEU A 166 15.36 -19.81 1.85
N GLN A 167 15.34 -20.77 0.93
CA GLN A 167 16.11 -20.64 -0.30
C GLN A 167 15.17 -20.59 -1.48
N ILE A 168 15.17 -19.47 -2.20
CA ILE A 168 14.23 -19.31 -3.30
C ILE A 168 14.89 -19.39 -4.67
N GLU A 169 14.80 -20.56 -5.28
CA GLU A 169 15.44 -20.80 -6.57
C GLU A 169 14.66 -20.05 -7.65
N GLN A 170 15.41 -19.42 -8.56
CA GLN A 170 14.89 -18.57 -9.63
C GLN A 170 13.88 -17.55 -9.11
N SER A 171 14.31 -16.29 -8.98
CA SER A 171 13.44 -15.27 -8.41
C SER A 171 12.36 -14.86 -9.40
N GLU A 172 11.15 -14.61 -8.87
CA GLU A 172 10.02 -14.17 -9.69
C GLU A 172 9.32 -13.03 -8.95
N GLU A 173 8.62 -12.18 -9.70
CA GLU A 173 7.86 -11.09 -9.10
C GLU A 173 6.90 -11.58 -8.01
N SER A 174 6.36 -12.79 -8.20
CA SER A 174 5.44 -13.38 -7.23
C SER A 174 6.11 -13.59 -5.88
N ASP A 175 7.42 -13.84 -5.92
CA ASP A 175 8.17 -14.11 -4.70
C ASP A 175 8.31 -12.87 -3.83
N GLN A 176 8.35 -11.71 -4.47
CA GLN A 176 8.41 -10.42 -3.76
C GLN A 176 7.33 -10.32 -2.69
N GLY A 177 7.67 -9.70 -1.56
CA GLY A 177 6.75 -9.61 -0.45
C GLY A 177 7.43 -9.64 0.91
N LYS A 178 6.61 -9.78 1.95
CA LYS A 178 7.07 -9.60 3.32
C LYS A 178 7.21 -10.93 4.05
N TYR A 179 8.44 -11.37 4.25
CA TYR A 179 8.72 -12.66 4.86
C TYR A 179 9.02 -12.53 6.35
N GLU A 180 8.53 -13.48 7.13
CA GLU A 180 8.87 -13.57 8.55
C GLU A 180 9.03 -15.04 8.95
N CYS A 181 10.02 -15.31 9.78
CA CYS A 181 10.27 -16.69 10.20
C CYS A 181 9.67 -16.94 11.58
N VAL A 182 9.48 -18.22 11.91
CA VAL A 182 8.72 -18.62 13.08
C VAL A 182 9.36 -19.80 13.80
N ALA A 183 9.68 -19.60 15.08
CA ALA A 183 10.38 -20.62 15.86
C ALA A 183 9.44 -21.28 16.86
N THR A 184 9.27 -22.59 16.73
CA THR A 184 8.28 -23.32 17.54
C THR A 184 8.88 -24.47 18.34
N ASN A 185 8.35 -24.68 19.55
CA ASN A 185 8.59 -25.93 20.28
C ASN A 185 7.46 -26.23 21.26
N SER A 186 7.69 -27.20 22.14
CA SER A 186 6.65 -27.65 23.06
C SER A 186 6.29 -26.61 24.10
N ALA A 187 7.08 -25.54 24.18
CA ALA A 187 6.80 -24.45 25.11
C ALA A 187 5.96 -23.38 24.44
N GLY A 188 6.09 -23.25 23.12
CA GLY A 188 5.39 -22.21 22.41
C GLY A 188 5.94 -21.81 21.06
N THR A 189 5.54 -20.62 20.61
CA THR A 189 5.86 -20.10 19.29
C THR A 189 6.31 -18.64 19.37
N ARG A 190 7.33 -18.28 18.62
CA ARG A 190 7.81 -16.90 18.57
C ARG A 190 8.12 -16.45 17.15
N TYR A 191 7.73 -15.22 16.83
CA TYR A 191 7.96 -14.66 15.51
C TYR A 191 9.18 -13.76 15.49
N SER A 192 9.85 -13.70 14.35
CA SER A 192 10.85 -12.69 14.10
C SER A 192 10.15 -11.43 13.60
N ALA A 193 10.92 -10.41 13.25
CA ALA A 193 10.35 -9.22 12.66
C ALA A 193 10.21 -9.44 11.17
N PRO A 194 9.28 -8.73 10.52
CA PRO A 194 9.12 -8.89 9.07
C PRO A 194 10.28 -8.29 8.28
N ALA A 195 10.78 -9.06 7.32
CA ALA A 195 11.76 -8.55 6.38
C ALA A 195 11.27 -8.72 4.94
N ASN A 196 11.19 -7.61 4.22
CA ASN A 196 10.73 -7.67 2.84
C ASN A 196 11.80 -8.27 1.93
N LEU A 197 11.34 -8.87 0.84
CA LEU A 197 12.22 -9.34 -0.21
C LEU A 197 11.84 -8.62 -1.49
N TYR A 198 12.83 -8.12 -2.21
CA TYR A 198 12.52 -7.46 -3.46
C TYR A 198 13.16 -8.14 -4.65
N VAL A 199 12.53 -7.94 -5.79
CA VAL A 199 12.97 -8.52 -7.03
C VAL A 199 12.96 -7.35 -8.00
N ARG A 200 14.14 -6.96 -8.46
CA ARG A 200 14.22 -5.76 -9.26
C ARG A 200 14.33 -6.19 -10.71
N VAL A 201 13.41 -5.68 -11.50
CA VAL A 201 13.39 -5.96 -12.92
C VAL A 201 13.94 -4.75 -13.63
N ARG A 202 14.99 -4.96 -14.42
CA ARG A 202 15.62 -3.85 -15.12
C ARG A 202 14.54 -3.31 -16.06
N ARG A 203 14.40 -1.99 -16.10
CA ARG A 203 13.27 -1.38 -16.80
C ARG A 203 13.33 -1.60 -18.31
N VAL A 204 12.19 -2.00 -18.87
CA VAL A 204 12.10 -2.39 -20.28
C VAL A 204 10.86 -1.78 -20.94
N PRO A 205 11.01 -1.30 -22.18
CA PRO A 205 9.85 -0.84 -22.95
C PRO A 205 8.86 -1.97 -23.20
N PRO A 206 7.59 -1.65 -23.50
CA PRO A 206 6.59 -2.70 -23.65
C PRO A 206 6.73 -3.48 -24.96
N ARG A 207 6.14 -4.67 -25.00
CA ARG A 207 6.21 -5.53 -26.18
C ARG A 207 5.00 -6.46 -26.20
N PHE A 208 4.56 -6.84 -27.39
CA PHE A 208 3.41 -7.73 -27.52
C PHE A 208 3.76 -9.19 -27.26
N SER A 209 3.20 -9.74 -26.19
CA SER A 209 3.33 -11.16 -25.91
C SER A 209 2.39 -11.94 -26.82
N ILE A 210 1.16 -11.45 -26.95
CA ILE A 210 0.17 -12.04 -27.85
C ILE A 210 -0.50 -10.97 -28.70
N PRO A 211 0.10 -10.65 -29.86
CA PRO A 211 -0.46 -9.68 -30.80
C PRO A 211 -1.87 -10.07 -31.27
N PRO A 212 -2.63 -9.11 -31.82
CA PRO A 212 -4.01 -9.38 -32.21
C PRO A 212 -4.15 -9.82 -33.67
N THR A 213 -4.65 -11.03 -33.88
CA THR A 213 -4.63 -11.67 -35.20
C THR A 213 -5.95 -11.53 -35.94
N ASN A 214 -5.85 -11.25 -37.24
CA ASN A 214 -6.98 -10.84 -38.08
C ASN A 214 -8.12 -11.86 -38.12
N HIS A 215 -9.28 -11.43 -38.61
CA HIS A 215 -10.46 -12.29 -38.68
C HIS A 215 -11.38 -12.01 -39.86
N GLU A 216 -12.16 -13.01 -40.25
CA GLU A 216 -13.34 -12.82 -41.08
C GLU A 216 -14.53 -13.58 -40.46
N ILE A 217 -15.72 -12.99 -40.52
CA ILE A 217 -16.96 -13.66 -40.09
C ILE A 217 -18.22 -13.06 -40.72
N MET A 218 -19.30 -13.84 -40.69
CA MET A 218 -20.60 -13.40 -41.18
C MET A 218 -21.11 -12.18 -40.42
N PRO A 219 -21.96 -11.37 -41.06
CA PRO A 219 -22.51 -10.25 -40.28
C PRO A 219 -23.42 -10.76 -39.16
N GLY A 220 -23.35 -10.14 -37.99
CA GLY A 220 -24.14 -10.55 -36.85
C GLY A 220 -24.11 -12.01 -36.40
N GLY A 221 -22.93 -12.62 -36.18
CA GLY A 221 -21.63 -11.98 -36.32
C GLY A 221 -20.97 -11.44 -35.06
N SER A 222 -20.20 -12.29 -34.38
CA SER A 222 -19.51 -11.88 -33.16
C SER A 222 -18.14 -12.55 -33.07
N VAL A 223 -17.21 -11.92 -32.36
CA VAL A 223 -15.85 -12.42 -32.18
C VAL A 223 -15.18 -11.78 -30.96
N ASN A 224 -14.30 -12.52 -30.28
CA ASN A 224 -13.47 -11.94 -29.23
C ASN A 224 -12.04 -11.83 -29.75
N ILE A 225 -11.48 -10.63 -29.75
CA ILE A 225 -10.10 -10.47 -30.20
C ILE A 225 -9.22 -10.08 -29.00
N THR A 226 -8.12 -10.80 -28.82
CA THR A 226 -7.29 -10.69 -27.63
C THR A 226 -5.97 -9.95 -27.89
N CYS A 227 -5.69 -8.94 -27.07
CA CYS A 227 -4.41 -8.24 -27.08
C CYS A 227 -3.62 -8.34 -25.78
N VAL A 228 -2.45 -8.95 -25.82
CA VAL A 228 -1.59 -9.04 -24.64
C VAL A 228 -0.25 -8.33 -24.81
N ALA A 229 0.11 -7.47 -23.85
CA ALA A 229 1.42 -6.84 -23.82
C ALA A 229 2.16 -7.16 -22.52
N VAL A 230 3.49 -7.19 -22.61
CA VAL A 230 4.34 -7.40 -21.44
C VAL A 230 5.59 -6.53 -21.50
N GLY A 231 6.28 -6.44 -20.36
CA GLY A 231 7.46 -5.61 -20.22
C GLY A 231 7.53 -5.12 -18.79
N SER A 232 8.56 -4.35 -18.46
CA SER A 232 8.65 -3.79 -17.12
C SER A 232 8.98 -2.29 -17.12
N PRO A 233 8.12 -1.48 -16.48
CA PRO A 233 6.91 -1.91 -15.78
C PRO A 233 5.78 -2.32 -16.73
N MET A 234 4.91 -3.22 -16.28
CA MET A 234 3.87 -3.78 -17.13
C MET A 234 2.99 -2.65 -17.63
N PRO A 235 2.61 -2.68 -18.91
CA PRO A 235 1.91 -1.51 -19.46
C PRO A 235 0.39 -1.62 -19.42
N TYR A 236 -0.29 -0.56 -19.84
CA TYR A 236 -1.74 -0.59 -20.01
C TYR A 236 -2.09 -0.97 -21.45
N VAL A 237 -3.13 -1.77 -21.64
CA VAL A 237 -3.58 -2.15 -22.97
C VAL A 237 -4.96 -1.59 -23.34
N LYS A 238 -4.99 -0.71 -24.33
CA LYS A 238 -6.21 -0.05 -24.79
C LYS A 238 -6.61 -0.42 -26.21
N TRP A 239 -7.89 -0.70 -26.41
CA TRP A 239 -8.43 -1.02 -27.72
C TRP A 239 -8.98 0.22 -28.43
N MET A 240 -8.55 0.42 -29.67
CA MET A 240 -8.92 1.59 -30.48
C MET A 240 -9.50 1.21 -31.84
N LEU A 241 -10.53 1.93 -32.27
CA LEU A 241 -11.05 1.76 -33.64
C LEU A 241 -10.10 2.44 -34.65
N GLY A 242 -8.96 2.90 -34.15
CA GLY A 242 -7.93 3.51 -34.98
C GLY A 242 -7.91 5.02 -34.93
N ALA A 243 -8.99 5.60 -34.42
CA ALA A 243 -9.00 7.03 -34.13
C ALA A 243 -9.22 7.24 -32.64
N GLU A 244 -10.33 6.68 -32.15
CA GLU A 244 -10.79 6.91 -30.78
C GLU A 244 -10.67 5.65 -29.91
N ASP A 245 -10.64 5.84 -28.60
CA ASP A 245 -10.55 4.72 -27.66
C ASP A 245 -11.93 4.14 -27.35
N LEU A 246 -12.02 2.82 -27.34
CA LEU A 246 -13.27 2.12 -27.13
C LEU A 246 -13.64 2.16 -25.64
N THR A 247 -14.86 2.61 -25.37
CA THR A 247 -15.39 2.72 -24.01
C THR A 247 -15.40 1.41 -23.21
N PRO A 248 -15.16 1.50 -21.88
CA PRO A 248 -14.88 2.66 -21.04
C PRO A 248 -13.59 3.39 -21.44
N GLU A 249 -13.73 4.61 -21.96
CA GLU A 249 -12.62 5.36 -22.54
C GLU A 249 -11.45 5.61 -21.59
N ASP A 250 -11.74 6.02 -20.36
CA ASP A 250 -10.67 6.25 -19.38
C ASP A 250 -10.17 4.99 -18.65
N ASP A 251 -11.00 3.95 -18.58
CA ASP A 251 -10.58 2.68 -17.97
C ASP A 251 -9.44 2.01 -18.73
N MET A 252 -8.32 1.77 -18.05
CA MET A 252 -7.19 1.08 -18.64
C MET A 252 -6.69 -0.10 -17.82
N PRO A 253 -6.73 -1.31 -18.41
CA PRO A 253 -6.31 -2.53 -17.71
C PRO A 253 -4.81 -2.77 -17.91
N ILE A 254 -4.26 -3.77 -17.25
CA ILE A 254 -2.82 -4.02 -17.36
C ILE A 254 -2.48 -5.31 -18.11
N GLY A 255 -1.76 -5.16 -19.22
CA GLY A 255 -1.14 -6.28 -19.92
C GLY A 255 -2.03 -7.24 -20.68
N ARG A 256 -3.35 -7.13 -20.50
CA ARG A 256 -4.28 -8.03 -21.19
C ARG A 256 -5.67 -7.41 -21.35
N ASN A 257 -5.94 -6.88 -22.54
CA ASN A 257 -7.27 -6.41 -22.90
C ASN A 257 -7.83 -7.13 -24.11
N VAL A 258 -8.99 -7.76 -23.94
CA VAL A 258 -9.61 -8.53 -25.00
C VAL A 258 -10.92 -7.87 -25.42
N LEU A 259 -11.07 -7.65 -26.72
CA LEU A 259 -12.19 -6.91 -27.24
C LEU A 259 -13.27 -7.84 -27.73
N GLU A 260 -14.47 -7.70 -27.16
CA GLU A 260 -15.58 -8.52 -27.58
C GLU A 260 -16.44 -7.68 -28.51
N LEU A 261 -16.63 -8.19 -29.72
CA LEU A 261 -17.40 -7.47 -30.72
C LEU A 261 -18.72 -8.19 -30.95
N ASN A 262 -19.81 -7.47 -30.73
CA ASN A 262 -21.14 -8.02 -30.89
C ASN A 262 -21.86 -7.42 -32.09
N ASP A 263 -22.52 -8.28 -32.86
CA ASP A 263 -23.26 -7.88 -34.05
C ASP A 263 -22.36 -7.15 -35.04
N VAL A 264 -21.44 -7.88 -35.66
CA VAL A 264 -20.60 -7.32 -36.71
C VAL A 264 -21.46 -7.17 -37.95
N ARG A 265 -21.31 -6.07 -38.66
CA ARG A 265 -22.09 -5.84 -39.87
C ARG A 265 -21.17 -5.62 -41.05
N GLN A 266 -19.99 -5.07 -40.79
CA GLN A 266 -19.11 -4.60 -41.83
C GLN A 266 -17.64 -4.99 -41.61
N SER A 267 -16.85 -4.89 -42.69
CA SER A 267 -15.41 -5.08 -42.64
C SER A 267 -14.70 -3.90 -41.96
N ALA A 268 -13.64 -4.19 -41.20
CA ALA A 268 -12.95 -3.14 -40.46
C ALA A 268 -11.53 -3.49 -40.01
N ASN A 269 -10.84 -2.47 -39.52
CA ASN A 269 -9.54 -2.60 -38.86
C ASN A 269 -9.64 -2.05 -37.44
N TYR A 270 -8.98 -2.71 -36.51
CA TYR A 270 -9.00 -2.28 -35.11
C TYR A 270 -7.58 -2.15 -34.60
N THR A 271 -7.34 -1.17 -33.74
CA THR A 271 -5.99 -0.95 -33.23
C THR A 271 -5.90 -1.23 -31.75
N CYS A 272 -4.88 -1.99 -31.38
CA CYS A 272 -4.60 -2.29 -29.98
C CYS A 272 -3.40 -1.49 -29.54
N VAL A 273 -3.58 -0.65 -28.53
CA VAL A 273 -2.49 0.20 -28.04
C VAL A 273 -2.02 -0.17 -26.65
N ALA A 274 -0.74 -0.49 -26.55
CA ALA A 274 -0.10 -0.74 -25.27
C ALA A 274 0.88 0.39 -25.04
N MET A 275 0.86 1.00 -23.87
CA MET A 275 1.72 2.15 -23.62
C MET A 275 2.34 2.20 -22.24
N SER A 276 3.58 2.65 -22.19
CA SER A 276 4.26 2.92 -20.93
C SER A 276 4.94 4.28 -21.01
N THR A 277 5.60 4.67 -19.94
CA THR A 277 6.34 5.93 -19.92
C THR A 277 7.61 5.86 -20.77
N LEU A 278 8.10 4.65 -21.02
CA LEU A 278 9.28 4.47 -21.86
C LEU A 278 8.92 4.24 -23.33
N GLY A 279 7.64 4.35 -23.66
CA GLY A 279 7.22 4.24 -25.04
C GLY A 279 5.85 3.62 -25.28
N VAL A 280 5.29 3.89 -26.46
CA VAL A 280 3.99 3.38 -26.89
C VAL A 280 4.13 2.40 -28.07
N ILE A 281 3.42 1.28 -28.03
CA ILE A 281 3.38 0.35 -29.15
C ILE A 281 1.94 0.07 -29.61
N GLU A 282 1.78 -0.15 -30.92
CA GLU A 282 0.46 -0.38 -31.50
C GLU A 282 0.47 -1.64 -32.37
N ALA A 283 -0.72 -2.15 -32.67
CA ALA A 283 -0.89 -3.37 -33.46
C ALA A 283 -2.34 -3.49 -33.91
N ILE A 284 -2.54 -3.91 -35.15
CA ILE A 284 -3.85 -3.91 -35.76
C ILE A 284 -4.42 -5.32 -35.97
N ALA A 285 -5.75 -5.44 -35.89
CA ALA A 285 -6.44 -6.65 -36.29
C ALA A 285 -7.46 -6.34 -37.39
N GLN A 286 -7.50 -7.18 -38.42
CA GLN A 286 -8.43 -7.00 -39.53
C GLN A 286 -9.72 -7.79 -39.37
N ILE A 287 -10.85 -7.07 -39.30
CA ILE A 287 -12.16 -7.72 -39.29
C ILE A 287 -12.87 -7.49 -40.63
N THR A 288 -13.13 -8.57 -41.37
CA THR A 288 -13.83 -8.49 -42.66
C THR A 288 -14.98 -9.50 -42.70
N VAL A 289 -16.06 -9.21 -43.44
CA VAL A 289 -17.26 -10.05 -43.37
C VAL A 289 -17.69 -10.88 -44.60
N LYS A 290 -17.78 -12.19 -44.40
CA LYS A 290 -18.50 -13.09 -45.31
C LYS A 290 -18.68 -14.54 -44.81
N ALA A 291 -19.61 -15.26 -45.44
CA ALA A 291 -20.00 -16.62 -45.04
C ALA A 291 -19.12 -17.73 -45.61
N LEU A 292 -19.53 -18.96 -45.31
CA LEU A 292 -18.88 -20.16 -45.83
C LEU A 292 -19.01 -20.15 -47.34
N PRO A 293 -18.09 -20.84 -48.05
CA PRO A 293 -18.02 -20.73 -49.50
C PRO A 293 -19.25 -21.24 -50.25
N LYS A 294 -19.46 -20.73 -51.47
CA LYS A 294 -20.48 -21.27 -52.35
C LYS A 294 -20.12 -22.71 -52.63
N PRO A 295 -21.12 -23.58 -52.83
CA PRO A 295 -20.80 -24.96 -53.20
C PRO A 295 -19.98 -24.99 -54.48
N PRO A 296 -19.00 -25.90 -54.55
CA PRO A 296 -18.11 -25.99 -55.71
C PRO A 296 -18.88 -26.26 -57.00
N GLY A 297 -18.24 -26.05 -58.14
CA GLY A 297 -18.83 -26.44 -59.40
C GLY A 297 -18.99 -27.94 -59.39
N THR A 298 -20.03 -28.44 -60.07
CA THR A 298 -20.27 -29.88 -60.12
C THR A 298 -19.03 -30.59 -60.64
N PRO A 299 -18.57 -31.62 -59.92
CA PRO A 299 -17.34 -32.33 -60.31
C PRO A 299 -17.49 -33.05 -61.65
N VAL A 300 -16.40 -33.06 -62.42
CA VAL A 300 -16.39 -33.70 -63.72
C VAL A 300 -15.29 -34.76 -63.78
N VAL A 301 -15.64 -35.94 -64.29
CA VAL A 301 -14.69 -37.03 -64.45
C VAL A 301 -13.86 -36.83 -65.71
N THR A 302 -12.55 -36.73 -65.55
CA THR A 302 -11.65 -36.52 -66.66
C THR A 302 -10.71 -37.70 -66.88
N GLU A 303 -10.62 -38.56 -65.88
CA GLU A 303 -9.79 -39.76 -65.96
C GLU A 303 -10.44 -40.92 -65.20
N SER A 304 -10.31 -42.12 -65.74
CA SER A 304 -10.81 -43.31 -65.05
C SER A 304 -9.94 -44.54 -65.32
N THR A 305 -9.71 -45.31 -64.27
CA THR A 305 -9.07 -46.62 -64.38
C THR A 305 -9.95 -47.64 -63.71
N ALA A 306 -9.49 -48.89 -63.66
CA ALA A 306 -10.21 -49.94 -62.97
C ALA A 306 -10.25 -49.70 -61.47
N THR A 307 -9.30 -48.93 -60.94
CA THR A 307 -9.20 -48.74 -59.50
C THR A 307 -9.14 -47.28 -59.08
N SER A 308 -9.28 -46.37 -60.03
CA SER A 308 -9.26 -44.94 -59.72
C SER A 308 -10.16 -44.10 -60.60
N ILE A 309 -10.55 -42.94 -60.08
CA ILE A 309 -11.29 -41.94 -60.84
C ILE A 309 -10.74 -40.55 -60.49
N THR A 310 -10.44 -39.76 -61.52
CA THR A 310 -9.92 -38.42 -61.31
C THR A 310 -10.99 -37.36 -61.54
N LEU A 311 -11.17 -36.48 -60.57
CA LEU A 311 -12.18 -35.44 -60.64
C LEU A 311 -11.54 -34.08 -60.91
N THR A 312 -12.24 -33.25 -61.68
CA THR A 312 -11.88 -31.84 -61.80
C THR A 312 -13.14 -31.00 -61.59
N TRP A 313 -13.00 -29.85 -60.95
CA TRP A 313 -14.15 -29.01 -60.67
C TRP A 313 -13.77 -27.53 -60.68
N ASP A 314 -14.74 -26.67 -60.96
CA ASP A 314 -14.58 -25.24 -60.80
C ASP A 314 -14.82 -24.89 -59.33
N SER A 315 -14.07 -23.92 -58.82
CA SER A 315 -14.15 -23.56 -57.40
C SER A 315 -15.54 -23.11 -56.98
N GLY A 316 -16.28 -22.49 -57.90
CA GLY A 316 -17.61 -21.99 -57.60
C GLY A 316 -17.66 -20.78 -56.68
N ASN A 317 -16.49 -20.23 -56.37
CA ASN A 317 -16.42 -19.12 -55.42
C ASN A 317 -15.66 -17.90 -55.92
N PRO A 318 -16.18 -16.71 -55.59
CA PRO A 318 -15.57 -15.42 -55.93
C PRO A 318 -14.24 -15.20 -55.21
N GLU A 319 -14.15 -15.69 -53.97
CA GLU A 319 -12.93 -15.54 -53.18
C GLU A 319 -12.14 -16.85 -53.13
N PRO A 320 -10.85 -16.78 -52.76
CA PRO A 320 -10.04 -18.00 -52.71
C PRO A 320 -10.51 -18.99 -51.65
N VAL A 321 -10.42 -20.27 -51.97
CA VAL A 321 -10.78 -21.34 -51.05
C VAL A 321 -9.50 -21.95 -50.48
N SER A 322 -9.52 -22.32 -49.20
CA SER A 322 -8.34 -22.89 -48.55
C SER A 322 -8.06 -24.30 -49.07
N TYR A 323 -9.10 -25.12 -49.13
CA TYR A 323 -8.97 -26.51 -49.58
C TYR A 323 -10.35 -27.14 -49.76
N TYR A 324 -10.38 -28.37 -50.26
CA TYR A 324 -11.65 -29.03 -50.53
C TYR A 324 -11.81 -30.37 -49.82
N ILE A 325 -13.06 -30.81 -49.69
CA ILE A 325 -13.37 -32.12 -49.16
C ILE A 325 -14.16 -32.90 -50.20
N ILE A 326 -13.69 -34.10 -50.54
CA ILE A 326 -14.38 -34.92 -51.51
C ILE A 326 -15.20 -36.01 -50.84
N GLN A 327 -16.48 -36.04 -51.14
CA GLN A 327 -17.40 -37.04 -50.62
C GLN A 327 -17.56 -38.15 -51.65
N HIS A 328 -17.49 -39.40 -51.20
CA HIS A 328 -17.56 -40.54 -52.12
C HIS A 328 -18.25 -41.74 -51.48
N LYS A 329 -19.01 -42.47 -52.29
CA LYS A 329 -19.64 -43.72 -51.86
C LYS A 329 -20.02 -44.58 -53.05
N PRO A 330 -20.26 -45.88 -52.82
CA PRO A 330 -20.87 -46.65 -53.90
C PRO A 330 -22.24 -46.07 -54.21
N LYS A 331 -22.63 -46.11 -55.48
CA LYS A 331 -23.85 -45.45 -55.92
C LYS A 331 -25.10 -45.94 -55.17
N ASN A 332 -25.11 -47.21 -54.79
CA ASN A 332 -26.29 -47.80 -54.20
C ASN A 332 -26.20 -47.95 -52.68
N SER A 333 -25.10 -47.49 -52.10
CA SER A 333 -24.98 -47.42 -50.66
C SER A 333 -25.88 -46.28 -50.21
N GLU A 334 -26.66 -46.49 -49.15
CA GLU A 334 -27.60 -45.47 -48.72
C GLU A 334 -27.12 -44.96 -47.36
N GLU A 335 -25.90 -45.38 -47.01
CA GLU A 335 -25.17 -44.81 -45.89
C GLU A 335 -24.51 -43.49 -46.31
N PRO A 336 -24.19 -42.62 -45.33
CA PRO A 336 -23.57 -41.32 -45.62
C PRO A 336 -22.21 -41.40 -46.33
N TYR A 337 -21.88 -40.35 -47.08
CA TYR A 337 -20.65 -40.26 -47.85
C TYR A 337 -19.40 -40.49 -47.00
N LYS A 338 -18.42 -41.21 -47.54
CA LYS A 338 -17.08 -41.18 -46.94
C LYS A 338 -16.40 -39.91 -47.42
N GLU A 339 -15.50 -39.35 -46.61
CA GLU A 339 -14.92 -38.06 -46.94
C GLU A 339 -13.39 -38.08 -46.94
N ILE A 340 -12.81 -37.50 -47.98
CA ILE A 340 -11.38 -37.30 -48.06
C ILE A 340 -11.06 -35.83 -47.80
N ASP A 341 -10.43 -35.55 -46.67
CA ASP A 341 -10.18 -34.18 -46.21
C ASP A 341 -8.89 -33.61 -46.76
N GLY A 342 -8.80 -32.29 -46.79
CA GLY A 342 -7.55 -31.60 -47.10
C GLY A 342 -7.02 -31.73 -48.52
N ILE A 343 -7.89 -31.47 -49.51
CA ILE A 343 -7.47 -31.47 -50.90
C ILE A 343 -7.21 -30.05 -51.40
N ALA A 344 -5.95 -29.76 -51.71
CA ALA A 344 -5.50 -28.38 -51.91
C ALA A 344 -5.59 -27.84 -53.34
N THR A 345 -6.21 -28.59 -54.24
CA THR A 345 -6.34 -28.14 -55.63
C THR A 345 -7.75 -28.38 -56.16
N THR A 346 -7.96 -28.09 -57.44
CA THR A 346 -9.26 -28.30 -58.07
C THR A 346 -9.26 -29.58 -58.91
N ARG A 347 -8.32 -30.46 -58.62
CA ARG A 347 -8.27 -31.78 -59.27
C ARG A 347 -7.68 -32.82 -58.32
N TYR A 348 -8.28 -34.00 -58.29
CA TYR A 348 -7.85 -35.06 -57.38
C TYR A 348 -8.24 -36.44 -57.91
N SER A 349 -7.32 -37.40 -57.78
CA SER A 349 -7.59 -38.76 -58.20
C SER A 349 -7.90 -39.66 -57.01
N VAL A 350 -9.14 -40.14 -56.92
CA VAL A 350 -9.54 -41.05 -55.85
C VAL A 350 -9.13 -42.47 -56.23
N ALA A 351 -8.24 -43.06 -55.43
CA ALA A 351 -7.71 -44.38 -55.73
C ALA A 351 -8.21 -45.43 -54.74
N GLY A 352 -7.76 -46.67 -54.94
CA GLY A 352 -8.17 -47.78 -54.10
C GLY A 352 -9.61 -48.22 -54.31
N LEU A 353 -10.13 -47.99 -55.52
CA LEU A 353 -11.48 -48.41 -55.85
C LEU A 353 -11.48 -49.82 -56.41
N SER A 354 -12.68 -50.39 -56.57
CA SER A 354 -12.82 -51.73 -57.10
C SER A 354 -13.19 -51.65 -58.58
N PRO A 355 -12.72 -52.60 -59.38
CA PRO A 355 -13.02 -52.58 -60.82
C PRO A 355 -14.52 -52.63 -61.13
N TYR A 356 -14.90 -51.88 -62.14
CA TYR A 356 -16.24 -51.94 -62.72
C TYR A 356 -17.34 -51.78 -61.69
N SER A 357 -17.22 -50.72 -60.89
CA SER A 357 -18.18 -50.41 -59.84
C SER A 357 -18.66 -48.96 -59.98
N ASP A 358 -19.91 -48.71 -59.61
CA ASP A 358 -20.49 -47.39 -59.72
C ASP A 358 -20.18 -46.57 -58.49
N TYR A 359 -19.76 -45.33 -58.70
CA TYR A 359 -19.42 -44.48 -57.58
C TYR A 359 -20.09 -43.11 -57.66
N GLU A 360 -20.34 -42.52 -56.50
CA GLU A 360 -20.97 -41.22 -56.42
C GLU A 360 -20.00 -40.26 -55.76
N PHE A 361 -20.01 -39.01 -56.20
CA PHE A 361 -19.04 -38.04 -55.72
C PHE A 361 -19.69 -36.68 -55.50
N ARG A 362 -19.12 -35.93 -54.56
CA ARG A 362 -19.44 -34.52 -54.38
C ARG A 362 -18.18 -33.83 -53.86
N VAL A 363 -18.12 -32.51 -54.04
CA VAL A 363 -16.99 -31.75 -53.53
C VAL A 363 -17.49 -30.66 -52.58
N VAL A 364 -16.76 -30.46 -51.48
CA VAL A 364 -17.09 -29.42 -50.53
C VAL A 364 -15.92 -28.45 -50.42
N ALA A 365 -16.21 -27.16 -50.38
CA ALA A 365 -15.19 -26.14 -50.24
C ALA A 365 -15.04 -25.69 -48.78
N VAL A 366 -13.81 -25.39 -48.38
CA VAL A 366 -13.55 -24.86 -47.05
C VAL A 366 -12.67 -23.61 -47.11
N ASN A 367 -13.10 -22.54 -46.44
CA ASN A 367 -12.26 -21.37 -46.28
C ASN A 367 -12.02 -21.10 -44.80
N ASN A 368 -11.42 -19.95 -44.49
CA ASN A 368 -11.07 -19.64 -43.11
C ASN A 368 -12.32 -19.50 -42.24
N ILE A 369 -13.45 -19.20 -42.88
CA ILE A 369 -14.72 -19.09 -42.19
C ILE A 369 -15.16 -20.47 -41.72
N GLY A 370 -15.21 -21.41 -42.67
CA GLY A 370 -15.59 -22.77 -42.38
C GLY A 370 -15.92 -23.59 -43.62
N ARG A 371 -16.79 -24.58 -43.45
CA ARG A 371 -17.10 -25.53 -44.49
C ARG A 371 -18.43 -25.23 -45.20
N GLY A 372 -18.38 -25.08 -46.52
CA GLY A 372 -19.55 -24.74 -47.30
C GLY A 372 -20.45 -25.93 -47.60
N PRO A 373 -21.54 -25.70 -48.34
CA PRO A 373 -22.45 -26.78 -48.77
C PRO A 373 -21.83 -27.67 -49.83
N ALA A 374 -22.24 -28.93 -49.86
CA ALA A 374 -21.73 -29.88 -50.85
C ALA A 374 -22.24 -29.57 -52.25
N SER A 375 -21.39 -29.79 -53.24
CA SER A 375 -21.77 -29.64 -54.64
C SER A 375 -22.85 -30.64 -55.04
N GLU A 376 -23.40 -30.47 -56.24
CA GLU A 376 -24.30 -31.46 -56.83
C GLU A 376 -23.47 -32.69 -57.16
N PRO A 377 -24.06 -33.89 -57.03
CA PRO A 377 -23.24 -35.10 -57.18
C PRO A 377 -22.97 -35.48 -58.62
N VAL A 378 -21.91 -36.26 -58.82
CA VAL A 378 -21.61 -36.83 -60.12
C VAL A 378 -21.53 -38.35 -60.01
N LEU A 379 -22.14 -39.04 -60.97
CA LEU A 379 -22.12 -40.49 -61.03
C LEU A 379 -21.18 -40.99 -62.10
N THR A 380 -20.47 -42.08 -61.81
CA THR A 380 -19.54 -42.67 -62.75
C THR A 380 -19.21 -44.12 -62.41
N GLN A 381 -18.37 -44.73 -63.24
CA GLN A 381 -18.04 -46.15 -63.12
C GLN A 381 -16.57 -46.44 -63.42
N THR A 382 -15.94 -47.20 -62.53
CA THR A 382 -14.56 -47.62 -62.74
C THR A 382 -14.48 -48.59 -63.91
N SER A 383 -13.32 -48.66 -64.55
CA SER A 383 -13.12 -49.50 -65.72
C SER A 383 -13.16 -50.99 -65.38
N GLU A 384 -13.25 -51.83 -66.40
CA GLU A 384 -13.19 -53.27 -66.21
C GLU A 384 -11.76 -53.79 -66.15
N GLN A 385 -11.62 -54.99 -65.59
CA GLN A 385 -10.38 -55.74 -65.68
C GLN A 385 -10.67 -57.14 -66.19
N ALA A 386 -9.62 -57.88 -66.54
CA ALA A 386 -9.73 -59.32 -66.69
C ALA A 386 -10.06 -59.90 -65.32
N PRO A 387 -10.79 -61.02 -65.28
CA PRO A 387 -11.07 -61.66 -63.99
C PRO A 387 -9.79 -61.94 -63.22
N SER A 388 -9.86 -61.86 -61.89
CA SER A 388 -8.68 -62.09 -61.05
C SER A 388 -8.86 -63.34 -60.20
N SER A 389 -9.86 -64.15 -60.52
CA SER A 389 -10.05 -65.44 -59.89
C SER A 389 -10.61 -66.45 -60.89
N ALA A 390 -10.31 -67.72 -60.66
CA ALA A 390 -10.75 -68.79 -61.55
C ALA A 390 -12.22 -69.12 -61.31
N PRO A 391 -12.88 -69.69 -62.33
CA PRO A 391 -14.22 -70.24 -62.10
C PRO A 391 -14.23 -71.27 -60.97
N ARG A 392 -15.32 -71.34 -60.22
CA ARG A 392 -15.38 -72.18 -59.03
C ARG A 392 -16.12 -73.49 -59.29
N ASP A 393 -15.82 -74.49 -58.46
CA ASP A 393 -16.54 -75.76 -58.45
C ASP A 393 -16.63 -76.39 -59.83
N VAL A 394 -15.52 -76.43 -60.55
CA VAL A 394 -15.52 -77.00 -61.89
C VAL A 394 -15.68 -78.50 -61.80
N GLN A 395 -16.69 -79.02 -62.48
CA GLN A 395 -16.98 -80.44 -62.46
C GLN A 395 -17.26 -80.96 -63.85
N ALA A 396 -16.87 -82.21 -64.09
CA ALA A 396 -17.11 -82.86 -65.37
C ALA A 396 -17.49 -84.32 -65.15
N ARG A 397 -18.46 -84.78 -65.94
CA ARG A 397 -18.84 -86.19 -65.88
C ARG A 397 -19.13 -86.76 -67.27
N MET A 398 -18.90 -88.06 -67.40
CA MET A 398 -19.13 -88.78 -68.65
C MET A 398 -20.61 -88.75 -69.04
N LEU A 399 -20.87 -88.53 -70.31
CA LEU A 399 -22.22 -88.72 -70.87
C LEU A 399 -22.23 -89.98 -71.72
N SER A 400 -21.28 -90.05 -72.64
CA SER A 400 -21.04 -91.25 -73.43
C SER A 400 -19.54 -91.51 -73.49
N SER A 401 -19.14 -92.50 -74.27
CA SER A 401 -17.72 -92.80 -74.47
C SER A 401 -17.02 -91.69 -75.26
N THR A 402 -17.80 -90.78 -75.83
CA THR A 402 -17.25 -89.73 -76.68
C THR A 402 -17.63 -88.31 -76.26
N THR A 403 -18.46 -88.19 -75.24
CA THR A 403 -18.93 -86.86 -74.80
C THR A 403 -18.97 -86.72 -73.29
N ILE A 404 -18.62 -85.53 -72.81
CA ILE A 404 -18.67 -85.23 -71.38
C ILE A 404 -19.46 -83.96 -71.12
N LEU A 405 -19.90 -83.80 -69.88
CA LEU A 405 -20.62 -82.61 -69.47
C LEU A 405 -19.79 -81.79 -68.50
N VAL A 406 -19.49 -80.55 -68.85
CA VAL A 406 -18.68 -79.69 -68.01
C VAL A 406 -19.49 -78.53 -67.47
N GLN A 407 -19.39 -78.31 -66.16
CA GLN A 407 -20.08 -77.18 -65.54
C GLN A 407 -19.21 -76.51 -64.48
N TRP A 408 -19.59 -75.29 -64.11
CA TRP A 408 -18.80 -74.47 -63.21
C TRP A 408 -19.66 -73.38 -62.60
N LYS A 409 -19.06 -72.62 -61.68
CA LYS A 409 -19.74 -71.46 -61.11
C LYS A 409 -18.95 -70.19 -61.43
N GLU A 410 -19.64 -69.06 -61.49
CA GLU A 410 -19.01 -67.79 -61.82
C GLU A 410 -17.86 -67.45 -60.88
N PRO A 411 -16.75 -66.93 -61.42
CA PRO A 411 -15.63 -66.46 -60.60
C PRO A 411 -16.07 -65.42 -59.57
N GLU A 412 -15.45 -65.42 -58.40
CA GLU A 412 -15.80 -64.46 -57.36
C GLU A 412 -15.29 -63.05 -57.66
N GLU A 413 -14.30 -62.94 -58.54
CA GLU A 413 -13.72 -61.65 -58.89
C GLU A 413 -13.73 -61.40 -60.40
N PRO A 414 -14.92 -61.21 -60.97
CA PRO A 414 -15.02 -61.05 -62.43
C PRO A 414 -14.39 -59.76 -62.95
N ASN A 415 -14.46 -58.70 -62.14
CA ASN A 415 -13.89 -57.39 -62.50
C ASN A 415 -14.45 -56.85 -63.82
N GLY A 416 -15.65 -57.30 -64.17
CA GLY A 416 -16.28 -56.92 -65.41
C GLY A 416 -17.41 -57.85 -65.79
N GLN A 417 -18.06 -57.55 -66.92
CA GLN A 417 -19.07 -58.46 -67.46
C GLN A 417 -18.38 -59.68 -68.03
N ILE A 418 -18.78 -60.85 -67.55
CA ILE A 418 -18.32 -62.09 -68.12
C ILE A 418 -18.94 -62.23 -69.51
N GLN A 419 -18.10 -62.19 -70.53
CA GLN A 419 -18.57 -62.27 -71.90
C GLN A 419 -18.71 -63.74 -72.28
N GLY A 420 -17.94 -64.59 -71.61
CA GLY A 420 -17.99 -66.02 -71.85
C GLY A 420 -16.91 -66.78 -71.10
N TYR A 421 -16.75 -68.05 -71.45
CA TYR A 421 -15.75 -68.92 -70.83
C TYR A 421 -14.98 -69.69 -71.90
N ARG A 422 -13.77 -70.13 -71.56
CA ARG A 422 -13.02 -71.00 -72.45
C ARG A 422 -12.64 -72.29 -71.73
N VAL A 423 -13.02 -73.41 -72.33
CA VAL A 423 -12.76 -74.71 -71.73
C VAL A 423 -11.58 -75.40 -72.40
N TYR A 424 -10.53 -75.64 -71.64
CA TYR A 424 -9.34 -76.30 -72.17
C TYR A 424 -9.37 -77.77 -71.76
N TYR A 425 -9.08 -78.66 -72.70
CA TYR A 425 -9.11 -80.08 -72.40
C TYR A 425 -8.10 -80.83 -73.26
N THR A 426 -7.55 -81.92 -72.71
CA THR A 426 -6.52 -82.69 -73.39
C THR A 426 -6.32 -84.05 -72.74
N MET A 427 -5.64 -84.94 -73.44
CA MET A 427 -5.24 -86.22 -72.90
C MET A 427 -3.82 -86.15 -72.33
N ASP A 428 -3.16 -85.03 -72.57
CA ASP A 428 -1.79 -84.80 -72.07
C ASP A 428 -1.75 -83.45 -71.34
N PRO A 429 -1.95 -83.47 -70.01
CA PRO A 429 -2.01 -82.24 -69.22
C PRO A 429 -0.63 -81.61 -69.01
N THR A 430 0.38 -82.18 -69.63
CA THR A 430 1.74 -81.65 -69.55
C THR A 430 2.05 -80.60 -70.61
N GLN A 431 1.20 -80.54 -71.63
CA GLN A 431 1.32 -79.53 -72.67
C GLN A 431 1.13 -78.13 -72.08
N HIS A 432 1.65 -77.11 -72.77
CA HIS A 432 1.24 -75.75 -72.44
C HIS A 432 -0.24 -75.63 -72.75
N VAL A 433 -0.95 -74.84 -71.94
CA VAL A 433 -2.40 -74.74 -72.06
C VAL A 433 -2.88 -74.25 -73.42
N ASN A 434 -2.06 -73.42 -74.08
CA ASN A 434 -2.41 -72.91 -75.40
C ASN A 434 -2.33 -74.00 -76.48
N ASN A 435 -1.74 -75.14 -76.14
CA ASN A 435 -1.70 -76.27 -77.07
C ASN A 435 -2.71 -77.36 -76.74
N TRP A 436 -3.51 -77.14 -75.70
CA TRP A 436 -4.65 -78.04 -75.44
C TRP A 436 -5.71 -77.78 -76.50
N MET A 437 -6.72 -78.65 -76.57
CA MET A 437 -7.92 -78.35 -77.34
C MET A 437 -8.77 -77.33 -76.59
N LYS A 438 -9.50 -76.50 -77.33
CA LYS A 438 -10.24 -75.39 -76.73
C LYS A 438 -11.67 -75.29 -77.24
N HIS A 439 -12.59 -74.94 -76.34
CA HIS A 439 -13.99 -74.76 -76.69
C HIS A 439 -14.56 -73.48 -76.08
N ASN A 440 -14.82 -72.49 -76.93
CA ASN A 440 -15.36 -71.21 -76.47
C ASN A 440 -16.87 -71.24 -76.29
N VAL A 441 -17.34 -70.66 -75.18
CA VAL A 441 -18.76 -70.64 -74.86
C VAL A 441 -19.16 -69.23 -74.42
N ALA A 442 -20.40 -68.84 -74.72
CA ALA A 442 -20.92 -67.55 -74.24
C ALA A 442 -21.12 -67.58 -72.73
N ASP A 443 -21.70 -66.52 -72.17
CA ASP A 443 -21.98 -66.48 -70.74
C ASP A 443 -22.93 -67.61 -70.36
N SER A 444 -22.40 -68.60 -69.64
CA SER A 444 -23.16 -69.75 -69.17
C SER A 444 -22.32 -70.52 -68.17
N GLN A 445 -22.92 -71.51 -67.51
CA GLN A 445 -22.23 -72.25 -66.47
C GLN A 445 -22.11 -73.73 -66.80
N ILE A 446 -22.49 -74.11 -68.02
CA ILE A 446 -22.46 -75.51 -68.39
C ILE A 446 -22.35 -75.68 -69.91
N THR A 447 -21.63 -76.71 -70.34
CA THR A 447 -21.50 -77.03 -71.75
C THR A 447 -21.23 -78.52 -71.96
N THR A 448 -21.44 -78.98 -73.18
CA THR A 448 -21.10 -80.36 -73.55
C THR A 448 -19.95 -80.36 -74.53
N ILE A 449 -19.08 -81.35 -74.42
CA ILE A 449 -17.97 -81.50 -75.35
C ILE A 449 -17.90 -82.93 -75.87
N GLY A 450 -17.96 -83.06 -77.19
CA GLY A 450 -17.99 -84.37 -77.83
C GLY A 450 -16.74 -84.66 -78.63
N ASN A 451 -16.82 -85.67 -79.49
CA ASN A 451 -15.71 -86.10 -80.34
C ASN A 451 -14.47 -86.50 -79.56
N LEU A 452 -14.67 -87.03 -78.35
CA LEU A 452 -13.56 -87.50 -77.54
C LEU A 452 -13.28 -88.97 -77.85
N VAL A 453 -12.04 -89.40 -77.59
CA VAL A 453 -11.67 -90.80 -77.82
C VAL A 453 -11.87 -91.57 -76.51
N PRO A 454 -12.57 -92.72 -76.59
CA PRO A 454 -13.03 -93.55 -75.47
C PRO A 454 -11.90 -94.09 -74.58
N GLN A 455 -12.23 -94.32 -73.30
CA GLN A 455 -11.34 -94.98 -72.35
C GLN A 455 -10.06 -94.18 -72.13
N LYS A 456 -10.20 -92.86 -72.05
CA LYS A 456 -9.08 -91.96 -71.84
C LYS A 456 -9.32 -90.99 -70.69
N THR A 457 -8.25 -90.62 -70.00
CA THR A 457 -8.31 -89.57 -68.98
C THR A 457 -8.14 -88.20 -69.63
N TYR A 458 -9.18 -87.38 -69.55
CA TYR A 458 -9.08 -86.00 -70.02
C TYR A 458 -8.88 -85.03 -68.86
N SER A 459 -7.89 -84.17 -68.99
CA SER A 459 -7.70 -83.09 -68.02
C SER A 459 -8.43 -81.85 -68.51
N VAL A 460 -9.11 -81.17 -67.60
CA VAL A 460 -9.96 -80.04 -67.99
C VAL A 460 -9.68 -78.80 -67.16
N LYS A 461 -9.52 -77.67 -67.84
CA LYS A 461 -9.34 -76.39 -67.19
C LYS A 461 -10.25 -75.35 -67.82
N VAL A 462 -10.78 -74.45 -66.99
CA VAL A 462 -11.72 -73.44 -67.46
C VAL A 462 -11.31 -72.05 -66.96
N LEU A 463 -11.38 -71.06 -67.85
CA LEU A 463 -11.20 -69.68 -67.44
C LEU A 463 -12.40 -68.84 -67.88
N ALA A 464 -12.57 -67.70 -67.23
CA ALA A 464 -13.56 -66.72 -67.67
C ALA A 464 -12.84 -65.56 -68.34
N PHE A 465 -13.53 -64.86 -69.23
CA PHE A 465 -12.97 -63.63 -69.76
C PHE A 465 -14.01 -62.51 -69.82
N THR A 466 -13.55 -61.30 -69.56
CA THR A 466 -14.37 -60.11 -69.74
C THR A 466 -13.96 -59.43 -71.03
N SER A 467 -14.47 -58.23 -71.26
CA SER A 467 -14.06 -57.44 -72.42
C SER A 467 -12.58 -57.10 -72.40
N ILE A 468 -12.00 -57.03 -71.20
CA ILE A 468 -10.58 -56.69 -71.05
C ILE A 468 -9.66 -57.85 -71.45
N GLY A 469 -9.95 -59.04 -70.97
CA GLY A 469 -9.11 -60.19 -71.24
C GLY A 469 -9.44 -61.44 -70.44
N ASP A 470 -8.61 -62.47 -70.58
CA ASP A 470 -8.81 -63.73 -69.90
C ASP A 470 -8.49 -63.67 -68.42
N GLY A 471 -9.31 -64.34 -67.61
CA GLY A 471 -9.00 -64.54 -66.21
C GLY A 471 -8.16 -65.80 -66.03
N PRO A 472 -7.91 -66.20 -64.78
CA PRO A 472 -7.13 -67.40 -64.46
C PRO A 472 -7.88 -68.71 -64.71
N LEU A 473 -7.13 -69.75 -65.03
CA LEU A 473 -7.67 -71.10 -65.23
C LEU A 473 -7.87 -71.85 -63.91
N SER A 474 -8.97 -72.60 -63.82
CA SER A 474 -9.17 -73.52 -62.71
C SER A 474 -8.08 -74.58 -62.71
N SER A 475 -7.74 -75.08 -61.52
CA SER A 475 -6.77 -76.17 -61.41
C SER A 475 -7.36 -77.42 -62.03
N ASP A 476 -6.50 -78.29 -62.55
CA ASP A 476 -6.94 -79.44 -63.34
C ASP A 476 -7.89 -80.36 -62.59
N ILE A 477 -9.00 -80.70 -63.25
CA ILE A 477 -9.82 -81.82 -62.82
C ILE A 477 -9.70 -82.88 -63.89
N GLN A 478 -10.03 -84.12 -63.55
CA GLN A 478 -9.97 -85.19 -64.52
C GLN A 478 -11.32 -85.88 -64.66
N VAL A 479 -11.62 -86.30 -65.88
CA VAL A 479 -12.84 -87.05 -66.16
C VAL A 479 -12.49 -88.17 -67.11
N ILE A 480 -13.11 -89.33 -66.90
CA ILE A 480 -12.78 -90.50 -67.69
C ILE A 480 -13.95 -90.88 -68.59
N THR A 481 -13.65 -91.08 -69.87
CA THR A 481 -14.67 -91.38 -70.86
C THR A 481 -15.04 -92.86 -70.84
N GLU B 1 -6.28 38.41 8.35
CA GLU B 1 -6.59 37.65 7.15
C GLU B 1 -6.01 38.30 5.91
N THR B 2 -5.40 37.49 5.04
CA THR B 2 -4.89 37.97 3.76
C THR B 2 -5.46 37.13 2.62
N PRO B 3 -5.70 37.76 1.47
CA PRO B 3 -6.23 37.05 0.30
C PRO B 3 -5.16 36.16 -0.32
N PRO B 4 -5.55 35.14 -1.10
CA PRO B 4 -4.59 34.18 -1.64
C PRO B 4 -3.64 34.83 -2.65
N ARG B 5 -2.37 34.46 -2.60
CA ARG B 5 -1.39 34.93 -3.57
C ARG B 5 -0.48 33.79 -4.00
N PHE B 6 -0.15 33.77 -5.28
CA PHE B 6 0.60 32.66 -5.87
C PHE B 6 2.06 32.67 -5.48
N THR B 7 2.53 31.54 -4.95
CA THR B 7 3.95 31.34 -4.70
C THR B 7 4.59 30.57 -5.85
N ARG B 8 3.79 29.71 -6.49
CA ARG B 8 4.27 28.90 -7.60
C ARG B 8 3.16 28.68 -8.63
N THR B 9 3.38 29.16 -9.86
CA THR B 9 2.41 29.00 -10.93
C THR B 9 2.79 27.88 -11.89
N PRO B 10 1.79 27.15 -12.40
CA PRO B 10 2.05 26.10 -13.39
C PRO B 10 2.54 26.66 -14.71
N VAL B 11 3.41 25.91 -15.38
CA VAL B 11 3.91 26.31 -16.68
C VAL B 11 3.33 25.42 -17.77
N ASP B 12 3.23 25.97 -18.98
CA ASP B 12 2.84 25.19 -20.15
C ASP B 12 3.68 23.93 -20.26
N GLN B 13 3.11 22.89 -20.88
CA GLN B 13 3.82 21.63 -21.01
C GLN B 13 3.56 21.01 -22.36
N THR B 14 4.51 20.21 -22.82
CA THR B 14 4.39 19.48 -24.08
C THR B 14 4.87 18.05 -23.84
N GLY B 15 3.91 17.16 -23.59
CA GLY B 15 4.23 15.79 -23.27
C GLY B 15 4.08 14.84 -24.44
N VAL B 16 4.24 13.56 -24.17
CA VAL B 16 4.20 12.54 -25.21
C VAL B 16 3.14 11.49 -24.85
N SER B 17 2.37 11.07 -25.85
CA SER B 17 1.24 10.16 -25.67
C SER B 17 1.61 8.91 -24.88
N GLY B 18 0.72 8.52 -23.96
CA GLY B 18 0.98 7.41 -23.08
C GLY B 18 2.11 7.71 -22.11
N GLY B 19 2.13 8.95 -21.62
CA GLY B 19 3.14 9.35 -20.65
C GLY B 19 2.54 10.14 -19.51
N VAL B 20 3.37 10.92 -18.85
CA VAL B 20 2.91 11.71 -17.71
C VAL B 20 3.04 13.21 -17.97
N ALA B 21 2.10 13.97 -17.42
CA ALA B 21 2.25 15.42 -17.34
C ALA B 21 1.91 15.89 -15.93
N SER B 22 2.73 16.77 -15.37
CA SER B 22 2.44 17.32 -14.06
C SER B 22 2.31 18.83 -14.12
N PHE B 23 1.36 19.36 -13.37
CA PHE B 23 1.19 20.79 -13.24
C PHE B 23 1.26 21.16 -11.77
N ILE B 24 1.96 22.24 -11.46
CA ILE B 24 2.19 22.60 -10.07
C ILE B 24 1.56 23.95 -9.74
N CYS B 25 0.83 24.02 -8.63
CA CYS B 25 0.22 25.26 -8.20
C CYS B 25 0.32 25.42 -6.69
N GLN B 26 1.05 26.44 -6.25
CA GLN B 26 1.17 26.75 -4.84
C GLN B 26 0.79 28.19 -4.54
N ALA B 27 0.11 28.41 -3.42
CA ALA B 27 -0.35 29.74 -3.05
C ALA B 27 -0.34 29.92 -1.54
N THR B 28 -0.21 31.17 -1.10
CA THR B 28 -0.21 31.48 0.33
C THR B 28 -1.30 32.50 0.66
N GLY B 29 -1.88 32.36 1.86
CA GLY B 29 -2.89 33.28 2.31
C GLY B 29 -3.48 32.87 3.65
N ASP B 30 -4.14 33.81 4.32
CA ASP B 30 -4.80 33.52 5.59
C ASP B 30 -6.31 33.78 5.46
N PRO B 31 -7.13 32.73 5.63
CA PRO B 31 -6.75 31.36 5.98
C PRO B 31 -6.17 30.60 4.78
N ARG B 32 -5.84 29.32 4.98
CA ARG B 32 -5.19 28.55 3.93
C ARG B 32 -6.08 28.41 2.71
N PRO B 33 -5.57 28.85 1.55
CA PRO B 33 -6.30 28.75 0.29
C PRO B 33 -6.59 27.30 -0.09
N LYS B 34 -7.75 27.06 -0.68
CA LYS B 34 -8.00 25.79 -1.32
C LYS B 34 -7.58 25.91 -2.78
N ILE B 35 -7.08 24.82 -3.35
CA ILE B 35 -6.71 24.82 -4.76
C ILE B 35 -7.62 23.92 -5.56
N VAL B 36 -8.10 24.42 -6.69
CA VAL B 36 -9.01 23.68 -7.54
C VAL B 36 -8.54 23.75 -8.98
N TRP B 37 -8.56 22.60 -9.67
CA TRP B 37 -8.12 22.54 -11.06
C TRP B 37 -9.30 22.54 -12.02
N ASN B 38 -9.31 23.49 -12.94
CA ASN B 38 -10.39 23.64 -13.90
C ASN B 38 -9.97 23.51 -15.36
N LYS B 39 -10.77 22.81 -16.14
CA LYS B 39 -10.70 22.94 -17.59
C LYS B 39 -11.97 23.67 -18.02
N LYS B 40 -11.78 24.85 -18.60
CA LYS B 40 -12.85 25.84 -18.85
C LYS B 40 -14.19 25.27 -19.30
N GLY B 41 -15.18 25.32 -18.43
CA GLY B 41 -14.97 25.60 -17.01
C GLY B 41 -15.50 24.43 -16.18
N LYS B 42 -14.60 23.61 -15.65
CA LYS B 42 -15.03 22.39 -14.96
C LYS B 42 -14.03 21.87 -13.95
N LYS B 43 -14.50 21.54 -12.74
CA LYS B 43 -13.70 20.78 -11.79
C LYS B 43 -13.29 19.50 -12.50
N VAL B 44 -12.02 19.12 -12.43
CA VAL B 44 -11.57 18.05 -13.30
C VAL B 44 -11.86 16.66 -12.73
N SER B 45 -12.66 15.90 -13.48
CA SER B 45 -13.01 14.54 -13.13
C SER B 45 -12.62 13.57 -14.23
N ASN B 46 -11.84 12.54 -13.87
CA ASN B 46 -11.27 11.59 -14.81
C ASN B 46 -10.44 10.57 -14.04
N GLN B 47 -10.34 9.35 -14.57
CA GLN B 47 -9.47 8.33 -14.02
C GLN B 47 -7.98 8.55 -14.26
N ARG B 48 -7.64 9.33 -15.27
CA ARG B 48 -6.22 9.63 -15.50
C ARG B 48 -5.78 10.98 -14.95
N PHE B 49 -6.73 11.76 -14.45
CA PHE B 49 -6.37 13.00 -13.80
C PHE B 49 -6.34 12.74 -12.29
N GLU B 50 -5.24 13.10 -11.65
CA GLU B 50 -5.11 12.94 -10.21
C GLU B 50 -4.51 14.20 -9.60
N VAL B 51 -5.19 14.72 -8.58
CA VAL B 51 -4.69 15.88 -7.86
C VAL B 51 -4.04 15.45 -6.55
N ILE B 52 -2.74 15.69 -6.44
CA ILE B 52 -1.98 15.28 -5.27
C ILE B 52 -1.60 16.51 -4.47
N GLU B 53 -1.80 16.46 -3.16
CA GLU B 53 -1.63 17.62 -2.31
C GLU B 53 -0.31 17.63 -1.54
N PHE B 54 0.26 18.82 -1.39
CA PHE B 54 1.43 19.02 -0.55
C PHE B 54 1.05 18.80 0.91
N ASP B 55 1.97 18.22 1.69
CA ASP B 55 1.72 17.93 3.10
C ASP B 55 1.46 19.19 3.93
N ASP B 56 1.90 20.34 3.40
CA ASP B 56 1.73 21.61 4.09
C ASP B 56 0.53 22.37 3.54
N GLY B 57 -0.18 21.75 2.60
CA GLY B 57 -1.35 22.35 1.98
C GLY B 57 -1.01 23.59 1.18
N SER B 58 0.25 23.69 0.78
CA SER B 58 0.73 24.84 0.01
C SER B 58 0.05 24.89 -1.36
N GLY B 59 -0.53 23.76 -1.76
CA GLY B 59 -1.16 23.64 -3.06
C GLY B 59 -1.21 22.19 -3.48
N SER B 60 -1.31 21.96 -4.78
CA SER B 60 -1.47 20.60 -5.28
C SER B 60 -0.84 20.41 -6.65
N VAL B 61 -0.67 19.15 -7.04
CA VAL B 61 -0.15 18.81 -8.35
C VAL B 61 -1.24 18.14 -9.18
N LEU B 62 -1.43 18.61 -10.40
CA LEU B 62 -2.31 17.89 -11.32
C LEU B 62 -1.47 16.96 -12.17
N ARG B 63 -1.70 15.67 -12.00
CA ARG B 63 -0.92 14.67 -12.71
C ARG B 63 -1.81 13.92 -13.69
N ILE B 64 -1.38 13.92 -14.95
CA ILE B 64 -2.13 13.23 -15.99
C ILE B 64 -1.35 12.05 -16.55
N GLN B 65 -1.80 10.85 -16.22
CA GLN B 65 -1.15 9.62 -16.66
C GLN B 65 -2.15 8.48 -16.82
N PRO B 66 -2.12 7.78 -17.95
CA PRO B 66 -1.27 8.05 -19.11
C PRO B 66 -1.88 9.06 -20.07
N LEU B 67 -1.05 9.87 -20.72
CA LEU B 67 -1.56 10.87 -21.65
C LEU B 67 -2.22 10.23 -22.88
N ARG B 68 -3.46 10.61 -23.15
CA ARG B 68 -4.13 10.20 -24.38
C ARG B 68 -4.58 11.45 -25.13
N THR B 69 -4.30 11.47 -26.42
CA THR B 69 -4.45 12.68 -27.23
C THR B 69 -5.48 12.43 -28.33
N PRO B 70 -6.14 13.49 -28.81
CA PRO B 70 -6.12 14.90 -28.39
C PRO B 70 -7.18 15.30 -27.38
N ARG B 71 -7.69 14.35 -26.59
CA ARG B 71 -8.64 14.67 -25.52
C ARG B 71 -7.99 15.61 -24.51
N ASP B 72 -6.80 15.25 -24.08
CA ASP B 72 -6.12 15.94 -22.99
C ASP B 72 -5.58 17.29 -23.43
N GLU B 73 -5.33 17.44 -24.72
CA GLU B 73 -4.84 18.70 -25.29
C GLU B 73 -5.82 19.84 -25.02
N ALA B 74 -5.54 20.66 -24.00
CA ALA B 74 -6.47 21.71 -23.60
C ALA B 74 -5.83 22.77 -22.70
N ILE B 75 -6.57 23.87 -22.51
CA ILE B 75 -6.21 24.90 -21.55
C ILE B 75 -6.80 24.60 -20.17
N TYR B 76 -5.93 24.46 -19.18
CA TYR B 76 -6.37 24.19 -17.81
C TYR B 76 -6.07 25.39 -16.93
N GLU B 77 -6.60 25.40 -15.71
CA GLU B 77 -6.30 26.49 -14.80
C GLU B 77 -6.37 26.10 -13.33
N CYS B 78 -5.55 26.79 -12.54
CA CYS B 78 -5.51 26.62 -11.09
C CYS B 78 -6.24 27.78 -10.42
N VAL B 79 -7.15 27.47 -9.51
CA VAL B 79 -7.84 28.52 -8.76
C VAL B 79 -7.60 28.37 -7.26
N ALA B 80 -7.00 29.40 -6.67
CA ALA B 80 -6.74 29.42 -5.23
C ALA B 80 -7.71 30.39 -4.56
N SER B 81 -8.34 29.95 -3.47
CA SER B 81 -9.40 30.74 -2.88
C SER B 81 -9.61 30.52 -1.39
N ASN B 82 -9.81 31.63 -0.68
CA ASN B 82 -10.36 31.62 0.66
C ASN B 82 -11.47 32.67 0.73
N ASN B 83 -12.09 32.83 1.88
CA ASN B 83 -13.19 33.79 2.01
C ASN B 83 -12.73 35.25 2.05
N VAL B 84 -11.56 35.52 1.47
CA VAL B 84 -11.00 36.87 1.46
C VAL B 84 -10.68 37.32 0.02
N GLY B 85 -10.61 36.37 -0.89
CA GLY B 85 -10.26 36.67 -2.27
C GLY B 85 -10.04 35.44 -3.11
N GLU B 86 -9.68 35.64 -4.37
CA GLU B 86 -9.57 34.56 -5.33
C GLU B 86 -8.60 34.89 -6.46
N ILE B 87 -7.78 33.92 -6.85
CA ILE B 87 -6.86 34.11 -7.95
C ILE B 87 -6.83 32.87 -8.85
N SER B 88 -6.55 33.07 -10.13
CA SER B 88 -6.39 31.95 -11.04
C SER B 88 -5.31 32.20 -12.09
N VAL B 89 -4.71 31.11 -12.57
CA VAL B 89 -3.72 31.16 -13.63
C VAL B 89 -3.98 30.03 -14.63
N SER B 90 -3.91 30.33 -15.91
CA SER B 90 -4.14 29.32 -16.92
C SER B 90 -2.82 28.72 -17.40
N THR B 91 -2.92 27.61 -18.12
CA THR B 91 -1.75 26.91 -18.63
C THR B 91 -2.19 25.93 -19.69
N ARG B 92 -1.30 25.65 -20.64
CA ARG B 92 -1.65 24.81 -21.78
C ARG B 92 -0.92 23.47 -21.74
N LEU B 93 -1.63 22.42 -22.16
CA LEU B 93 -1.06 21.09 -22.25
C LEU B 93 -1.04 20.64 -23.70
N THR B 94 0.12 20.23 -24.17
CA THR B 94 0.25 19.69 -25.52
C THR B 94 0.77 18.26 -25.41
N VAL B 95 0.10 17.33 -26.11
CA VAL B 95 0.53 15.95 -26.11
C VAL B 95 0.87 15.51 -27.53
N LEU B 96 2.01 14.85 -27.69
CA LEU B 96 2.46 14.43 -29.01
C LEU B 96 2.46 12.91 -29.16
N ARG B 97 2.42 12.47 -30.42
CA ARG B 97 2.64 11.08 -30.77
C ARG B 97 4.09 10.88 -31.16
N GLU B 98 4.65 9.71 -30.86
CA GLU B 98 6.05 9.45 -31.21
C GLU B 98 6.19 9.22 -32.70
N ASP B 99 5.06 9.05 -33.38
CA ASP B 99 5.01 9.16 -34.83
C ASP B 99 5.51 10.53 -35.24
N GLN B 100 5.20 11.52 -34.41
CA GLN B 100 5.56 12.91 -34.69
C GLN B 100 6.32 13.57 -33.54
N ILE B 101 7.08 12.77 -32.80
CA ILE B 101 7.95 13.32 -31.78
C ILE B 101 9.21 13.82 -32.46
N PRO B 102 9.51 15.13 -32.30
CA PRO B 102 10.71 15.70 -32.92
C PRO B 102 11.96 15.02 -32.39
N ARG B 103 12.98 14.83 -33.21
CA ARG B 103 14.27 14.37 -32.71
C ARG B 103 14.89 15.50 -31.90
N GLY B 104 15.62 15.16 -30.84
CA GLY B 104 16.17 16.16 -29.94
C GLY B 104 15.20 16.42 -28.81
N PHE B 105 14.07 15.74 -28.88
CA PHE B 105 13.08 15.76 -27.80
C PHE B 105 13.71 14.96 -26.68
N PRO B 106 13.50 15.38 -25.43
CA PRO B 106 14.20 14.74 -24.32
C PRO B 106 13.95 13.25 -24.28
N THR B 107 15.02 12.49 -24.09
CA THR B 107 14.93 11.04 -24.01
C THR B 107 15.70 10.55 -22.80
N ILE B 108 15.14 9.59 -22.09
CA ILE B 108 15.83 9.03 -20.93
C ILE B 108 16.80 7.95 -21.38
N ASP B 109 18.09 8.19 -21.18
CA ASP B 109 19.11 7.23 -21.58
C ASP B 109 19.34 6.21 -20.49
N MET B 110 19.07 6.62 -19.25
CA MET B 110 19.05 5.72 -18.11
C MET B 110 18.28 6.39 -16.98
N GLY B 111 17.38 5.64 -16.36
CA GLY B 111 16.50 6.19 -15.37
C GLY B 111 16.90 5.74 -13.98
N PRO B 112 16.22 6.27 -12.97
CA PRO B 112 16.55 5.96 -11.57
C PRO B 112 16.41 4.48 -11.29
N GLN B 113 17.12 4.03 -10.27
CA GLN B 113 17.20 2.61 -9.98
C GLN B 113 16.66 2.36 -8.59
N LEU B 114 16.12 1.16 -8.36
CA LEU B 114 15.66 0.82 -7.03
C LEU B 114 16.89 0.87 -6.15
N LYS B 115 16.75 1.41 -4.95
CA LYS B 115 17.91 1.61 -4.10
C LYS B 115 17.53 1.42 -2.65
N VAL B 116 18.46 0.86 -1.88
CA VAL B 116 18.22 0.68 -0.46
C VAL B 116 19.35 1.27 0.36
N VAL B 117 19.07 2.41 0.97
CA VAL B 117 20.00 3.06 1.85
C VAL B 117 19.45 2.91 3.26
N GLU B 118 20.34 2.82 4.23
CA GLU B 118 19.91 2.76 5.60
C GLU B 118 19.82 4.19 6.10
N ARG B 119 19.17 4.35 7.25
CA ARG B 119 18.82 5.67 7.75
C ARG B 119 20.06 6.52 7.99
N THR B 120 19.93 7.82 7.71
CA THR B 120 20.96 8.81 7.97
C THR B 120 22.25 8.63 7.16
N ARG B 121 22.16 7.88 6.07
CA ARG B 121 23.30 7.71 5.16
C ARG B 121 22.91 8.17 3.76
N THR B 122 23.87 8.71 3.03
CA THR B 122 23.55 9.43 1.80
C THR B 122 23.18 8.50 0.67
N ALA B 123 21.98 8.71 0.14
CA ALA B 123 21.50 7.97 -1.02
C ALA B 123 21.50 8.86 -2.26
N THR B 124 21.82 8.28 -3.40
CA THR B 124 21.81 9.02 -4.66
C THR B 124 20.95 8.36 -5.72
N MET B 125 20.01 9.12 -6.28
CA MET B 125 19.18 8.62 -7.36
C MET B 125 19.63 9.30 -8.64
N LEU B 126 19.76 8.51 -9.70
CA LEU B 126 20.47 8.98 -10.89
C LEU B 126 19.62 9.04 -12.14
N CYS B 127 19.93 10.01 -13.01
CA CYS B 127 19.19 10.21 -14.26
C CYS B 127 20.08 10.59 -15.43
N ALA B 128 20.11 9.74 -16.45
CA ALA B 128 20.79 10.09 -17.69
C ALA B 128 19.76 10.37 -18.78
N ALA B 129 19.81 11.57 -19.35
CA ALA B 129 18.90 11.96 -20.42
C ALA B 129 19.58 12.84 -21.44
N SER B 130 19.24 12.69 -22.71
CA SER B 130 19.79 13.55 -23.74
C SER B 130 18.70 14.20 -24.57
N GLY B 131 19.09 15.15 -25.40
CA GLY B 131 18.16 15.91 -26.21
C GLY B 131 18.81 17.14 -26.78
N ASN B 132 18.17 17.78 -27.75
CA ASN B 132 18.66 19.02 -28.32
C ASN B 132 17.53 20.06 -28.40
N PRO B 133 17.66 21.18 -27.67
CA PRO B 133 18.77 21.56 -26.77
C PRO B 133 18.88 20.66 -25.54
N ASP B 134 20.00 20.76 -24.83
CA ASP B 134 20.27 19.88 -23.70
C ASP B 134 19.15 19.97 -22.69
N PRO B 135 18.64 18.81 -22.25
CA PRO B 135 17.47 18.77 -21.36
C PRO B 135 17.82 19.16 -19.94
N GLU B 136 16.89 19.84 -19.27
CA GLU B 136 17.05 20.17 -17.86
C GLU B 136 16.43 19.08 -17.00
N ILE B 137 17.18 18.60 -16.02
CA ILE B 137 16.71 17.50 -15.19
C ILE B 137 16.12 17.96 -13.86
N THR B 138 14.94 17.45 -13.55
CA THR B 138 14.23 17.76 -12.31
C THR B 138 13.76 16.44 -11.70
N TRP B 139 13.29 16.48 -10.46
CA TRP B 139 12.87 15.25 -9.78
C TRP B 139 11.48 15.35 -9.17
N PHE B 140 10.81 14.20 -9.11
CA PHE B 140 9.51 14.09 -8.46
C PHE B 140 9.55 12.98 -7.42
N LYS B 141 8.99 13.24 -6.25
CA LYS B 141 8.83 12.21 -5.23
C LYS B 141 7.36 12.05 -4.86
N ASP B 142 6.89 10.81 -4.90
CA ASP B 142 5.47 10.48 -4.69
C ASP B 142 4.54 11.45 -5.40
N PHE B 143 4.89 11.74 -6.66
CA PHE B 143 4.09 12.55 -7.59
C PHE B 143 4.28 14.05 -7.34
N LEU B 144 4.79 14.40 -6.16
CA LEU B 144 5.09 15.79 -5.84
C LEU B 144 6.50 16.16 -6.27
N PRO B 145 6.72 17.42 -6.67
CA PRO B 145 8.05 17.86 -7.10
C PRO B 145 9.02 17.94 -5.92
N VAL B 146 10.28 17.61 -6.16
CA VAL B 146 11.27 17.62 -5.09
C VAL B 146 11.94 18.99 -5.02
N ASP B 147 11.86 19.61 -3.84
CA ASP B 147 12.37 20.96 -3.67
C ASP B 147 13.83 20.96 -3.23
N THR B 148 14.71 21.33 -4.16
CA THR B 148 16.12 21.45 -3.88
C THR B 148 16.56 22.89 -4.02
N SER B 149 15.59 23.79 -3.95
CA SER B 149 15.79 25.22 -4.18
C SER B 149 16.96 25.74 -3.34
N ASN B 150 16.90 25.46 -2.04
CA ASN B 150 18.02 25.77 -1.16
C ASN B 150 19.25 24.93 -1.48
N ASN B 151 20.30 25.60 -1.96
CA ASN B 151 21.63 25.01 -2.08
C ASN B 151 22.09 24.46 -0.73
N ASN B 152 21.53 25.03 0.33
CA ASN B 152 21.94 24.78 1.71
C ASN B 152 21.26 23.59 2.40
N GLY B 153 20.66 22.69 1.64
CA GLY B 153 19.82 21.67 2.23
C GLY B 153 20.41 20.26 2.23
N ARG B 154 19.68 19.33 2.85
CA ARG B 154 20.00 17.91 2.76
C ARG B 154 20.01 17.45 1.32
N ILE B 155 19.04 17.95 0.57
CA ILE B 155 18.76 17.41 -0.75
C ILE B 155 19.17 18.45 -1.78
N LYS B 156 20.18 18.12 -2.57
CA LYS B 156 20.70 19.06 -3.55
C LYS B 156 20.71 18.42 -4.92
N GLN B 157 20.28 19.17 -5.92
CA GLN B 157 20.35 18.67 -7.28
C GLN B 157 21.70 19.01 -7.86
N LEU B 158 22.44 17.99 -8.23
CA LEU B 158 23.66 18.22 -8.96
C LEU B 158 23.35 17.95 -10.42
N ARG B 159 23.88 18.79 -11.29
CA ARG B 159 23.88 18.52 -12.70
C ARG B 159 25.30 18.82 -13.11
N SER B 160 25.89 17.95 -13.91
CA SER B 160 27.17 18.26 -14.49
C SER B 160 26.89 18.46 -15.96
N GLU B 161 27.93 18.63 -16.76
CA GLU B 161 27.72 18.77 -18.20
C GLU B 161 27.13 17.46 -18.73
N SER B 162 27.52 16.35 -18.11
CA SER B 162 26.78 15.10 -18.23
C SER B 162 25.60 15.19 -17.26
N ILE B 163 24.41 15.03 -17.82
CA ILE B 163 23.11 15.10 -17.12
C ILE B 163 23.12 14.47 -15.72
N GLY B 164 22.14 14.86 -14.90
CA GLY B 164 22.35 14.98 -13.46
C GLY B 164 21.67 13.98 -12.54
N ALA B 165 21.79 14.22 -11.24
CA ALA B 165 21.32 13.30 -10.22
C ALA B 165 20.76 14.02 -9.00
N LEU B 166 20.20 13.26 -8.07
CA LEU B 166 19.65 13.80 -6.83
C LEU B 166 20.28 13.18 -5.60
N GLN B 167 20.78 14.03 -4.70
CA GLN B 167 21.56 13.58 -3.55
C GLN B 167 20.88 13.88 -2.21
N ILE B 168 20.61 12.82 -1.45
CA ILE B 168 19.92 12.91 -0.18
C ILE B 168 20.92 12.71 0.96
N GLU B 169 21.29 13.82 1.63
CA GLU B 169 22.39 13.82 2.59
C GLU B 169 22.18 12.96 3.85
N GLN B 170 21.00 13.05 4.44
CA GLN B 170 20.70 12.37 5.70
C GLN B 170 19.32 11.73 5.61
N SER B 171 19.29 10.41 5.54
CA SER B 171 18.04 9.69 5.31
C SER B 171 17.07 9.73 6.49
N GLU B 172 15.79 9.82 6.14
CA GLU B 172 14.71 9.81 7.11
C GLU B 172 13.67 8.86 6.56
N GLU B 173 12.84 8.28 7.44
CA GLU B 173 11.75 7.41 6.99
C GLU B 173 10.89 8.16 5.98
N SER B 174 10.83 9.48 6.15
CA SER B 174 10.08 10.35 5.26
C SER B 174 10.58 10.32 3.82
N ASP B 175 11.88 10.06 3.64
CA ASP B 175 12.52 10.06 2.32
C ASP B 175 12.03 8.89 1.46
N GLN B 176 11.69 7.79 2.13
CA GLN B 176 11.16 6.59 1.48
C GLN B 176 10.01 6.91 0.54
N GLY B 177 9.95 6.21 -0.60
CA GLY B 177 8.92 6.50 -1.60
C GLY B 177 9.33 6.33 -3.04
N LYS B 178 8.49 6.81 -3.95
CA LYS B 178 8.63 6.53 -5.38
C LYS B 178 9.15 7.73 -6.17
N TYR B 179 10.42 7.65 -6.56
CA TYR B 179 11.08 8.76 -7.26
C TYR B 179 11.08 8.55 -8.78
N GLU B 180 10.88 9.64 -9.50
CA GLU B 180 11.02 9.62 -10.96
C GLU B 180 11.64 10.93 -11.43
N CYS B 181 12.55 10.83 -12.39
CA CYS B 181 13.22 12.02 -12.90
C CYS B 181 12.56 12.47 -14.19
N VAL B 182 12.77 13.74 -14.55
CA VAL B 182 12.03 14.37 -15.63
C VAL B 182 12.93 15.24 -16.48
N ALA B 183 12.98 14.96 -17.78
CA ALA B 183 13.86 15.67 -18.69
C ALA B 183 13.07 16.63 -19.57
N THR B 184 13.39 17.91 -19.46
CA THR B 184 12.63 18.95 -20.14
C THR B 184 13.53 19.84 -21.01
N ASN B 185 12.98 20.29 -22.14
CA ASN B 185 13.58 21.38 -22.90
C ASN B 185 12.51 22.11 -23.71
N SER B 186 12.94 22.97 -24.63
CA SER B 186 12.01 23.80 -25.38
C SER B 186 11.11 23.01 -26.32
N ALA B 187 11.41 21.73 -26.50
CA ALA B 187 10.58 20.86 -27.33
C ALA B 187 9.50 20.16 -26.51
N GLY B 188 9.77 19.93 -25.23
CA GLY B 188 8.83 19.20 -24.40
C GLY B 188 9.39 18.54 -23.15
N THR B 189 8.63 17.57 -22.64
CA THR B 189 8.93 16.93 -21.37
C THR B 189 8.80 15.40 -21.46
N ARG B 190 9.74 14.68 -20.84
CA ARG B 190 9.67 13.22 -20.80
C ARG B 190 10.03 12.69 -19.42
N TYR B 191 9.27 11.69 -18.98
CA TYR B 191 9.50 11.07 -17.68
C TYR B 191 10.29 9.78 -17.83
N SER B 192 11.07 9.46 -16.81
CA SER B 192 11.64 8.13 -16.71
C SER B 192 10.60 7.24 -16.07
N ALA B 193 10.94 5.98 -15.83
CA ALA B 193 10.03 5.11 -15.11
C ALA B 193 10.27 5.31 -13.62
N PRO B 194 9.26 4.99 -12.79
CA PRO B 194 9.44 5.16 -11.35
C PRO B 194 10.41 4.18 -10.74
N ALA B 195 11.29 4.68 -9.89
CA ALA B 195 12.16 3.82 -9.09
C ALA B 195 11.91 4.09 -7.62
N ASN B 196 11.52 3.05 -6.90
CA ASN B 196 11.21 3.17 -5.49
C ASN B 196 12.49 3.32 -4.66
N LEU B 197 12.38 3.98 -3.51
CA LEU B 197 13.49 4.02 -2.56
C LEU B 197 13.00 3.50 -1.22
N TYR B 198 13.77 2.60 -0.62
CA TYR B 198 13.41 2.08 0.70
C TYR B 198 14.51 2.37 1.72
N VAL B 199 14.14 2.41 2.99
CA VAL B 199 15.05 2.77 4.07
C VAL B 199 14.95 1.79 5.22
N ARG B 200 16.07 1.15 5.55
CA ARG B 200 16.04 0.08 6.54
C ARG B 200 16.47 0.58 7.92
N VAL B 201 15.57 0.36 8.87
CA VAL B 201 15.79 0.68 10.27
C VAL B 201 16.08 -0.60 11.05
N ARG B 202 17.19 -0.62 11.77
CA ARG B 202 17.60 -1.81 12.49
C ARG B 202 16.54 -2.18 13.49
N ARG B 203 16.21 -3.46 13.58
CA ARG B 203 15.09 -3.86 14.42
C ARG B 203 15.47 -3.63 15.88
N VAL B 204 14.58 -2.97 16.61
CA VAL B 204 14.83 -2.54 17.97
C VAL B 204 13.61 -2.83 18.82
N PRO B 205 13.83 -3.33 20.04
CA PRO B 205 12.69 -3.47 20.95
C PRO B 205 12.11 -2.10 21.25
N PRO B 206 10.86 -2.04 21.71
CA PRO B 206 10.27 -0.71 21.89
C PRO B 206 10.86 0.01 23.08
N ARG B 207 10.72 1.33 23.11
CA ARG B 207 11.26 2.13 24.20
C ARG B 207 10.47 3.43 24.32
N PHE B 208 10.38 3.92 25.55
CA PHE B 208 9.63 5.14 25.81
C PHE B 208 10.43 6.39 25.47
N SER B 209 9.96 7.14 24.48
CA SER B 209 10.55 8.42 24.14
C SER B 209 10.09 9.46 25.15
N ILE B 210 8.79 9.42 25.46
CA ILE B 210 8.22 10.30 26.48
C ILE B 210 7.35 9.48 27.42
N PRO B 211 7.96 8.93 28.48
CA PRO B 211 7.23 8.18 29.51
C PRO B 211 6.16 9.05 30.18
N PRO B 212 5.20 8.42 30.89
CA PRO B 212 4.07 9.18 31.43
C PRO B 212 4.31 9.66 32.86
N THR B 213 4.29 10.98 33.05
CA THR B 213 4.74 11.60 34.29
C THR B 213 3.59 11.91 35.24
N ASN B 214 3.82 11.60 36.51
CA ASN B 214 2.79 11.60 37.55
C ASN B 214 2.12 12.95 37.74
N HIS B 215 0.97 12.95 38.42
CA HIS B 215 0.25 14.20 38.67
C HIS B 215 -0.52 14.23 39.99
N GLU B 216 -0.74 15.44 40.48
CA GLU B 216 -1.78 15.69 41.47
C GLU B 216 -2.60 16.92 41.06
N ILE B 217 -3.91 16.89 41.29
CA ILE B 217 -4.80 18.02 41.02
C ILE B 217 -6.07 17.96 41.89
N MET B 218 -6.74 19.10 42.04
CA MET B 218 -8.04 19.09 42.72
C MET B 218 -9.02 18.26 41.90
N PRO B 219 -10.05 17.70 42.55
CA PRO B 219 -11.03 16.91 41.82
C PRO B 219 -11.82 17.74 40.80
N GLY B 220 -12.10 17.13 39.66
CA GLY B 220 -12.80 17.80 38.56
C GLY B 220 -12.23 19.11 38.03
N GLY B 221 -10.94 19.18 37.70
CA GLY B 221 -10.01 18.09 37.83
C GLY B 221 -9.87 17.32 36.53
N SER B 222 -9.01 17.82 35.65
CA SER B 222 -8.76 17.15 34.38
C SER B 222 -7.30 17.24 33.93
N VAL B 223 -6.86 16.25 33.15
CA VAL B 223 -5.50 16.26 32.63
C VAL B 223 -5.34 15.36 31.41
N ASN B 224 -4.48 15.78 30.50
CA ASN B 224 -4.12 14.96 29.36
C ASN B 224 -2.68 14.50 29.55
N ILE B 225 -2.46 13.19 29.60
CA ILE B 225 -1.12 12.65 29.82
C ILE B 225 -0.60 11.94 28.56
N THR B 226 0.64 12.24 28.19
CA THR B 226 1.18 11.78 26.93
C THR B 226 2.11 10.58 27.11
N CYS B 227 1.85 9.52 26.35
CA CYS B 227 2.77 8.40 26.30
C CYS B 227 3.28 8.20 24.89
N VAL B 228 4.58 8.37 24.72
CA VAL B 228 5.22 8.17 23.43
C VAL B 228 6.22 7.03 23.49
N ALA B 229 6.10 6.07 22.58
CA ALA B 229 7.10 5.03 22.44
C ALA B 229 7.68 5.06 21.03
N VAL B 230 8.94 4.68 20.91
CA VAL B 230 9.61 4.59 19.61
C VAL B 230 10.51 3.37 19.57
N GLY B 231 10.93 3.00 18.36
CA GLY B 231 11.75 1.83 18.15
C GLY B 231 11.40 1.22 16.81
N SER B 232 12.07 0.12 16.44
CA SER B 232 11.74 -0.57 15.19
C SER B 232 11.58 -2.08 15.35
N PRO B 233 10.43 -2.62 14.91
CA PRO B 233 9.34 -1.89 14.28
C PRO B 233 8.60 -1.04 15.30
N MET B 234 8.01 0.08 14.86
CA MET B 234 7.39 1.02 15.78
C MET B 234 6.30 0.24 16.49
N PRO B 235 6.16 0.46 17.81
CA PRO B 235 5.26 -0.42 18.54
C PRO B 235 3.86 0.14 18.59
N TYR B 236 2.96 -0.62 19.21
CA TYR B 236 1.62 -0.14 19.46
C TYR B 236 1.72 0.51 20.82
N VAL B 237 1.09 1.66 21.00
CA VAL B 237 1.08 2.26 22.32
C VAL B 237 -0.34 2.19 22.83
N LYS B 238 -0.53 1.36 23.84
CA LYS B 238 -1.83 1.14 24.41
C LYS B 238 -1.82 1.63 25.85
N TRP B 239 -2.84 2.40 26.21
CA TRP B 239 -2.95 2.88 27.56
C TRP B 239 -3.76 1.85 28.33
N MET B 240 -3.21 1.38 29.44
CA MET B 240 -3.88 0.36 30.21
C MET B 240 -4.07 0.80 31.63
N LEU B 241 -5.30 0.78 32.11
CA LEU B 241 -5.51 0.92 33.53
C LEU B 241 -5.26 -0.50 34.03
N GLY B 242 -4.45 -0.64 35.08
CA GLY B 242 -4.13 -1.93 35.70
C GLY B 242 -4.39 -3.20 34.89
N ALA B 243 -5.67 -3.46 34.64
CA ALA B 243 -6.11 -4.55 33.76
C ALA B 243 -6.82 -4.02 32.52
N GLU B 244 -7.78 -3.12 32.73
CA GLU B 244 -8.69 -2.77 31.65
C GLU B 244 -8.06 -1.73 30.72
N ASP B 245 -8.30 -1.91 29.43
CA ASP B 245 -7.82 -1.00 28.42
C ASP B 245 -8.90 0.04 28.17
N LEU B 246 -8.51 1.30 28.16
CA LEU B 246 -9.45 2.41 28.00
C LEU B 246 -9.83 2.45 26.55
N THR B 247 -8.78 2.59 25.75
CA THR B 247 -8.90 2.52 24.31
C THR B 247 -9.47 1.14 24.05
N PRO B 248 -10.35 1.03 23.05
CA PRO B 248 -11.30 -0.11 23.03
C PRO B 248 -10.58 -1.46 23.00
N GLU B 249 -9.96 -1.77 21.87
CA GLU B 249 -9.31 -3.05 21.58
C GLU B 249 -9.12 -3.10 20.08
N ASP B 250 -10.09 -2.55 19.39
CA ASP B 250 -10.09 -2.50 17.93
C ASP B 250 -9.07 -1.48 17.47
N ASP B 251 -8.79 -0.50 18.32
CA ASP B 251 -7.77 0.48 18.01
C ASP B 251 -6.63 0.56 19.02
N MET B 252 -5.43 0.30 18.52
CA MET B 252 -4.20 0.55 19.26
C MET B 252 -3.34 1.35 18.31
N PRO B 253 -2.97 2.57 18.69
CA PRO B 253 -2.25 3.43 17.76
C PRO B 253 -0.76 3.13 17.78
N ILE B 254 -0.01 3.81 16.89
CA ILE B 254 1.42 3.57 16.75
C ILE B 254 2.28 4.73 17.26
N GLY B 255 3.15 4.41 18.22
CA GLY B 255 4.17 5.33 18.69
C GLY B 255 3.69 6.48 19.54
N ARG B 256 2.38 6.65 19.63
CA ARG B 256 1.83 7.77 20.40
C ARG B 256 0.42 7.55 20.93
N ASN B 257 0.30 7.25 22.22
CA ASN B 257 -1.02 7.21 22.83
C ASN B 257 -1.09 8.26 23.94
N VAL B 258 -1.99 9.22 23.75
CA VAL B 258 -2.16 10.31 24.71
C VAL B 258 -3.55 10.21 25.31
N LEU B 259 -3.59 10.16 26.65
CA LEU B 259 -4.83 9.84 27.35
C LEU B 259 -5.52 11.05 27.99
N GLU B 260 -6.80 11.22 27.68
CA GLU B 260 -7.60 12.33 28.20
C GLU B 260 -8.47 11.91 29.39
N LEU B 261 -8.28 12.57 30.53
CA LEU B 261 -9.08 12.25 31.72
C LEU B 261 -10.01 13.38 32.16
N ASN B 262 -11.29 13.06 32.28
CA ASN B 262 -12.29 14.02 32.73
C ASN B 262 -12.79 13.65 34.13
N ASP B 263 -12.89 14.65 35.00
CA ASP B 263 -13.34 14.46 36.37
C ASP B 263 -12.45 13.44 37.07
N VAL B 264 -11.22 13.82 37.38
CA VAL B 264 -10.34 12.95 38.13
C VAL B 264 -10.87 12.92 39.54
N ARG B 265 -11.87 12.07 39.77
CA ARG B 265 -12.56 12.00 41.05
C ARG B 265 -11.67 11.43 42.16
N GLN B 266 -10.75 10.53 41.80
CA GLN B 266 -9.96 9.83 42.81
C GLN B 266 -8.48 9.73 42.45
N SER B 267 -7.67 9.44 43.46
CA SER B 267 -6.27 9.13 43.29
C SER B 267 -6.17 7.74 42.66
N ALA B 268 -5.19 7.56 41.77
CA ALA B 268 -5.08 6.29 41.04
C ALA B 268 -3.69 6.08 40.47
N ASN B 269 -3.45 4.87 40.00
CA ASN B 269 -2.21 4.57 39.31
C ASN B 269 -2.57 4.12 37.91
N TYR B 270 -1.82 4.56 36.91
CA TYR B 270 -2.15 4.22 35.53
C TYR B 270 -0.93 3.67 34.80
N THR B 271 -1.15 2.70 33.92
CA THR B 271 -0.05 2.08 33.19
C THR B 271 -0.07 2.35 31.70
N CYS B 272 1.07 2.74 31.16
CA CYS B 272 1.17 2.89 29.71
C CYS B 272 1.97 1.73 29.16
N VAL B 273 1.33 0.94 28.30
CA VAL B 273 1.97 -0.24 27.74
C VAL B 273 2.21 -0.12 26.25
N ALA B 274 3.48 -0.22 25.86
CA ALA B 274 3.86 -0.20 24.46
C ALA B 274 4.43 -1.55 24.04
N MET B 275 3.96 -2.06 22.91
CA MET B 275 4.42 -3.37 22.45
C MET B 275 4.60 -3.48 20.94
N SER B 276 5.63 -4.23 20.55
CA SER B 276 5.90 -4.59 19.17
C SER B 276 6.12 -6.09 19.15
N THR B 277 6.47 -6.64 18.00
CA THR B 277 6.68 -8.07 17.88
C THR B 277 7.90 -8.53 18.67
N LEU B 278 8.80 -7.60 18.98
CA LEU B 278 10.00 -7.91 19.75
C LEU B 278 9.90 -7.73 21.27
N GLY B 279 8.71 -7.37 21.77
CA GLY B 279 8.52 -7.18 23.19
C GLY B 279 7.41 -6.27 23.70
N VAL B 280 7.09 -6.44 24.97
CA VAL B 280 6.12 -5.58 25.63
C VAL B 280 6.91 -4.78 26.65
N ILE B 281 6.68 -3.46 26.68
CA ILE B 281 7.31 -2.62 27.67
C ILE B 281 6.22 -1.88 28.42
N GLU B 282 6.47 -1.63 29.70
CA GLU B 282 5.46 -0.97 30.53
C GLU B 282 6.03 0.22 31.30
N ALA B 283 5.14 1.08 31.77
CA ALA B 283 5.51 2.29 32.50
C ALA B 283 4.27 2.87 33.16
N ILE B 284 4.42 3.32 34.40
CA ILE B 284 3.30 3.75 35.22
C ILE B 284 3.31 5.25 35.44
N ALA B 285 2.11 5.83 35.57
CA ALA B 285 1.96 7.20 36.02
C ALA B 285 1.10 7.22 37.28
N GLN B 286 1.53 7.99 38.27
CA GLN B 286 0.77 8.12 39.51
C GLN B 286 -0.17 9.32 39.44
N ILE B 287 -1.46 9.06 39.46
CA ILE B 287 -2.43 10.13 39.55
C ILE B 287 -3.05 10.15 40.93
N THR B 288 -2.80 11.22 41.67
CA THR B 288 -3.36 11.34 42.99
C THR B 288 -4.05 12.68 43.09
N VAL B 289 -5.09 12.75 43.89
CA VAL B 289 -5.83 13.99 43.99
C VAL B 289 -5.54 14.54 45.38
N LYS B 290 -5.07 15.78 45.41
CA LYS B 290 -4.94 16.51 46.66
C LYS B 290 -5.33 17.95 46.39
N ALA B 291 -5.80 18.62 47.42
CA ALA B 291 -6.31 19.97 47.24
C ALA B 291 -5.24 21.03 47.39
N LEU B 292 -5.65 22.27 47.19
CA LEU B 292 -4.80 23.42 47.47
C LEU B 292 -4.60 23.47 48.98
N PRO B 293 -3.49 24.06 49.44
CA PRO B 293 -3.22 24.00 50.88
C PRO B 293 -4.22 24.78 51.72
N LYS B 294 -4.41 24.34 52.97
CA LYS B 294 -5.19 25.06 53.96
C LYS B 294 -4.50 26.37 54.35
N PRO B 295 -5.29 27.39 54.73
CA PRO B 295 -4.68 28.64 55.21
C PRO B 295 -3.77 28.39 56.41
N PRO B 296 -2.61 29.07 56.46
CA PRO B 296 -1.62 28.93 57.53
C PRO B 296 -2.18 29.29 58.90
N GLY B 297 -1.46 28.93 59.96
CA GLY B 297 -1.81 29.40 61.28
C GLY B 297 -1.70 30.91 61.31
N THR B 298 -2.53 31.57 62.10
CA THR B 298 -2.50 33.03 62.20
C THR B 298 -1.11 33.50 62.60
N PRO B 299 -0.57 34.49 61.85
CA PRO B 299 0.78 34.97 62.12
C PRO B 299 0.90 35.65 63.49
N VAL B 300 2.04 35.43 64.13
CA VAL B 300 2.31 36.00 65.45
C VAL B 300 3.58 36.84 65.39
N VAL B 301 3.54 38.04 65.96
CA VAL B 301 4.71 38.90 66.00
C VAL B 301 5.63 38.47 67.14
N THR B 302 6.86 38.09 66.80
CA THR B 302 7.81 37.64 67.80
C THR B 302 9.01 38.57 67.91
N GLU B 303 9.17 39.43 66.91
CA GLU B 303 10.24 40.44 66.91
C GLU B 303 9.74 41.70 66.23
N SER B 304 10.14 42.85 66.75
CA SER B 304 9.79 44.11 66.12
C SER B 304 10.90 45.14 66.29
N THR B 305 11.15 45.90 65.24
CA THR B 305 12.05 47.05 65.31
C THR B 305 11.30 48.26 64.79
N ALA B 306 11.98 49.40 64.73
CA ALA B 306 11.38 50.60 64.17
C ALA B 306 11.13 50.45 62.66
N THR B 307 11.84 49.53 62.02
CA THR B 307 11.75 49.39 60.58
C THR B 307 11.49 47.95 60.14
N SER B 308 11.27 47.05 61.11
CA SER B 308 11.00 45.67 60.78
C SER B 308 10.05 44.98 61.76
N ILE B 309 9.39 43.93 61.27
CA ILE B 309 8.57 43.05 62.09
C ILE B 309 8.80 41.61 61.68
N THR B 310 9.05 40.73 62.66
CA THR B 310 9.27 39.32 62.37
C THR B 310 8.04 38.50 62.72
N LEU B 311 7.55 37.72 61.77
CA LEU B 311 6.36 36.90 61.96
C LEU B 311 6.73 35.44 62.14
N THR B 312 5.96 34.73 62.96
CA THR B 312 6.03 33.28 63.02
C THR B 312 4.62 32.72 62.94
N TRP B 313 4.46 31.60 62.24
CA TRP B 313 3.15 31.03 62.04
C TRP B 313 3.17 29.51 61.95
N ASP B 314 2.01 28.91 62.21
CA ASP B 314 1.78 27.49 61.96
C ASP B 314 1.48 27.21 60.50
N SER B 315 1.99 26.08 59.99
CA SER B 315 1.83 25.71 58.60
C SER B 315 0.35 25.54 58.25
N GLY B 316 -0.44 25.09 59.22
CA GLY B 316 -1.87 24.90 59.04
C GLY B 316 -2.26 23.78 58.10
N ASN B 317 -1.28 23.01 57.64
CA ASN B 317 -1.53 21.95 56.66
C ASN B 317 -0.96 20.60 57.06
N PRO B 318 -1.72 19.52 56.81
CA PRO B 318 -1.31 18.14 57.11
C PRO B 318 -0.12 17.65 56.29
N GLU B 319 -0.01 18.11 55.05
CA GLU B 319 1.09 17.73 54.18
C GLU B 319 2.11 18.87 54.09
N PRO B 320 3.34 18.57 53.64
CA PRO B 320 4.36 19.62 53.55
C PRO B 320 3.99 20.74 52.57
N VAL B 321 4.36 21.97 52.93
CA VAL B 321 4.14 23.13 52.07
C VAL B 321 5.45 23.51 51.39
N SER B 322 5.38 23.93 50.13
CA SER B 322 6.57 24.28 49.36
C SER B 322 7.18 25.59 49.85
N TYR B 323 6.33 26.59 50.05
CA TYR B 323 6.79 27.92 50.49
C TYR B 323 5.58 28.79 50.83
N TYR B 324 5.85 29.99 51.36
CA TYR B 324 4.78 30.88 51.76
C TYR B 324 4.84 32.25 51.08
N ILE B 325 3.70 32.92 51.07
CA ILE B 325 3.61 34.28 50.57
C ILE B 325 3.07 35.16 51.70
N ILE B 326 3.80 36.22 52.02
CA ILE B 326 3.36 37.12 53.09
C ILE B 326 2.72 38.37 52.52
N GLN B 327 1.49 38.62 52.94
CA GLN B 327 0.75 39.79 52.52
C GLN B 327 0.89 40.92 53.54
N HIS B 328 1.17 42.14 53.08
CA HIS B 328 1.38 43.25 53.99
C HIS B 328 0.91 44.59 53.44
N LYS B 329 0.37 45.43 54.32
CA LYS B 329 0.05 46.81 53.98
C LYS B 329 -0.13 47.62 55.28
N PRO B 330 -0.04 48.96 55.18
CA PRO B 330 -0.40 49.86 56.29
C PRO B 330 -1.83 49.66 56.74
N LYS B 331 -2.13 49.94 58.00
CA LYS B 331 -3.43 49.61 58.61
C LYS B 331 -4.61 50.12 57.79
N ASN B 332 -4.46 51.31 57.21
CA ASN B 332 -5.54 51.91 56.43
C ASN B 332 -5.24 52.07 54.94
N SER B 333 -4.08 51.60 54.47
CA SER B 333 -3.83 51.62 53.04
C SER B 333 -4.77 50.60 52.42
N GLU B 334 -5.42 50.96 51.33
CA GLU B 334 -6.48 50.13 50.77
C GLU B 334 -6.24 49.57 49.38
N GLU B 335 -5.00 49.67 48.89
CA GLU B 335 -4.64 48.95 47.67
C GLU B 335 -4.53 47.49 48.09
N PRO B 336 -4.64 46.55 47.13
CA PRO B 336 -4.58 45.12 47.51
C PRO B 336 -3.27 44.82 48.23
N TYR B 337 -3.26 43.80 49.08
CA TYR B 337 -2.09 43.50 49.90
C TYR B 337 -0.85 43.48 49.02
N LYS B 338 0.24 44.05 49.50
CA LYS B 338 1.51 43.84 48.83
C LYS B 338 1.98 42.46 49.24
N GLU B 339 2.69 41.78 48.35
CA GLU B 339 3.02 40.38 48.59
C GLU B 339 4.51 40.13 48.47
N ILE B 340 5.04 39.40 49.45
CA ILE B 340 6.41 38.94 49.39
C ILE B 340 6.41 37.45 49.06
N ASP B 341 6.89 37.14 47.85
CA ASP B 341 6.82 35.79 47.31
C ASP B 341 8.03 34.96 47.72
N GLY B 342 7.87 33.64 47.68
CA GLY B 342 8.99 32.72 47.86
C GLY B 342 9.63 32.73 49.22
N ILE B 343 8.82 32.61 50.27
CA ILE B 343 9.34 32.50 51.63
C ILE B 343 9.35 31.05 52.09
N ALA B 344 10.54 30.50 52.26
CA ALA B 344 10.71 29.05 52.40
C ALA B 344 10.66 28.51 53.83
N THR B 345 10.31 29.36 54.79
CA THR B 345 10.24 28.90 56.19
C THR B 345 8.98 29.39 56.87
N THR B 346 8.85 29.09 58.16
CA THR B 346 7.69 29.52 58.93
C THR B 346 8.00 30.73 59.82
N ARG B 347 9.08 31.43 59.48
CA ARG B 347 9.43 32.67 60.15
C ARG B 347 10.12 33.62 59.17
N TYR B 348 9.77 34.89 59.22
CA TYR B 348 10.30 35.86 58.27
C TYR B 348 10.25 37.27 58.85
N SER B 349 11.31 38.04 58.64
CA SER B 349 11.36 39.42 59.09
C SER B 349 11.11 40.39 57.94
N VAL B 350 9.98 41.08 58.00
CA VAL B 350 9.65 42.06 56.97
C VAL B 350 10.37 43.36 57.29
N ALA B 351 11.26 43.77 56.40
CA ALA B 351 12.06 44.96 56.64
C ALA B 351 11.67 46.11 55.72
N GLY B 352 12.35 47.24 55.87
CA GLY B 352 12.05 48.43 55.09
C GLY B 352 10.75 49.10 55.49
N LEU B 353 10.34 48.91 56.73
CA LEU B 353 9.13 49.56 57.25
C LEU B 353 9.44 50.91 57.87
N SER B 354 8.41 51.67 58.19
CA SER B 354 8.57 52.99 58.78
C SER B 354 8.35 52.95 60.30
N PRO B 355 9.08 53.79 61.05
CA PRO B 355 8.96 53.86 62.52
C PRO B 355 7.54 54.23 62.96
N TYR B 356 7.09 53.66 64.08
CA TYR B 356 5.82 54.02 64.69
C TYR B 356 4.65 53.94 63.69
N SER B 357 4.54 52.82 63.00
CA SER B 357 3.48 52.67 62.01
C SER B 357 2.68 51.39 62.21
N ASP B 358 1.39 51.45 61.92
CA ASP B 358 0.52 50.30 62.08
C ASP B 358 0.54 49.46 60.80
N TYR B 359 0.71 48.15 60.95
CA TYR B 359 0.76 47.27 59.78
C TYR B 359 -0.20 46.09 59.87
N GLU B 360 -0.61 45.64 58.69
CA GLU B 360 -1.56 44.54 58.53
C GLU B 360 -0.90 43.38 57.80
N PHE B 361 -1.22 42.14 58.19
CA PHE B 361 -0.52 40.98 57.65
C PHE B 361 -1.40 39.75 57.43
N ARG B 362 -1.00 38.92 56.46
CA ARG B 362 -1.52 37.56 56.30
C ARG B 362 -0.44 36.69 55.69
N VAL B 363 -0.58 35.37 55.86
CA VAL B 363 0.34 34.42 55.28
C VAL B 363 -0.43 33.47 54.36
N VAL B 364 0.16 33.15 53.21
CA VAL B 364 -0.46 32.22 52.28
C VAL B 364 0.45 31.01 52.06
N ALA B 365 -0.13 29.83 52.00
CA ALA B 365 0.63 28.62 51.75
C ALA B 365 0.58 28.24 50.27
N VAL B 366 1.68 27.73 49.75
CA VAL B 366 1.74 27.20 48.40
C VAL B 366 2.39 25.82 48.36
N ASN B 367 1.70 24.86 47.73
CA ASN B 367 2.30 23.56 47.44
C ASN B 367 2.25 23.31 45.94
N ASN B 368 2.56 22.09 45.51
CA ASN B 368 2.65 21.79 44.09
C ASN B 368 1.31 21.95 43.35
N ILE B 369 0.20 21.85 44.08
CA ILE B 369 -1.11 22.07 43.48
C ILE B 369 -1.28 23.53 43.10
N GLY B 370 -1.06 24.42 44.07
CA GLY B 370 -1.18 25.84 43.84
C GLY B 370 -1.25 26.64 45.12
N ARG B 371 -1.94 27.76 45.06
CA ARG B 371 -1.98 28.73 46.16
C ARG B 371 -3.27 28.62 46.98
N GLY B 372 -3.13 28.40 48.28
CA GLY B 372 -4.27 28.26 49.17
C GLY B 372 -4.83 29.60 49.59
N PRO B 373 -5.86 29.58 50.45
CA PRO B 373 -6.45 30.81 51.00
C PRO B 373 -5.53 31.47 52.02
N ALA B 374 -5.60 32.80 52.12
CA ALA B 374 -4.79 33.55 53.05
C ALA B 374 -5.23 33.31 54.50
N SER B 375 -4.27 33.30 55.40
CA SER B 375 -4.57 33.19 56.83
C SER B 375 -5.37 34.38 57.35
N GLU B 376 -5.85 34.26 58.58
CA GLU B 376 -6.50 35.37 59.26
C GLU B 376 -5.45 36.43 59.60
N PRO B 377 -5.84 37.72 59.58
CA PRO B 377 -4.82 38.77 59.71
C PRO B 377 -4.35 39.05 61.13
N VAL B 378 -3.16 39.62 61.24
CA VAL B 378 -2.63 40.11 62.51
C VAL B 378 -2.25 41.58 62.34
N LEU B 379 -2.60 42.38 63.34
CA LEU B 379 -2.26 43.80 63.35
C LEU B 379 -1.13 44.06 64.33
N THR B 380 -0.24 44.97 63.97
CA THR B 380 0.89 45.31 64.82
C THR B 380 1.46 46.68 64.50
N GLN B 381 2.47 47.09 65.25
CA GLN B 381 3.02 48.43 65.13
C GLN B 381 4.54 48.43 65.29
N THR B 382 5.22 49.09 64.35
CA THR B 382 6.67 49.22 64.41
C THR B 382 7.07 50.11 65.59
N SER B 383 8.29 49.90 66.08
CA SER B 383 8.79 50.63 67.24
C SER B 383 8.98 52.11 66.94
N GLU B 384 9.14 52.91 68.00
CA GLU B 384 9.43 54.32 67.84
C GLU B 384 10.92 54.58 67.65
N GLN B 385 11.25 55.73 67.08
CA GLN B 385 12.62 56.22 67.03
C GLN B 385 12.67 57.62 67.60
N ALA B 386 13.88 58.13 67.83
CA ALA B 386 14.04 59.56 67.99
C ALA B 386 13.68 60.19 66.65
N PRO B 387 13.12 61.41 66.68
CA PRO B 387 12.82 62.13 65.44
C PRO B 387 14.05 62.25 64.56
N SER B 388 13.85 62.24 63.24
CA SER B 388 14.98 62.33 62.32
C SER B 388 14.96 63.63 61.53
N SER B 389 14.15 64.59 61.97
CA SER B 389 14.15 65.91 61.39
C SER B 389 13.90 66.97 62.46
N ALA B 390 14.39 68.18 62.23
CA ALA B 390 14.26 69.28 63.17
C ALA B 390 12.87 69.88 63.09
N PRO B 391 12.43 70.55 64.17
CA PRO B 391 11.21 71.35 64.09
C PRO B 391 11.31 72.38 62.96
N ARG B 392 10.19 72.69 62.32
CA ARG B 392 10.21 73.54 61.14
C ARG B 392 9.78 74.97 61.48
N ASP B 393 10.19 75.91 60.63
CA ASP B 393 9.76 77.30 60.72
C ASP B 393 9.95 77.90 62.11
N VAL B 394 11.12 77.70 62.69
CA VAL B 394 11.39 78.20 64.03
C VAL B 394 11.50 79.72 64.02
N GLN B 395 10.70 80.38 64.85
CA GLN B 395 10.67 81.83 64.89
C GLN B 395 10.71 82.36 66.31
N ALA B 396 11.35 83.50 66.49
CA ALA B 396 11.39 84.16 67.78
C ALA B 396 11.30 85.67 67.62
N ARG B 397 10.51 86.31 68.47
CA ARG B 397 10.40 87.76 68.46
C ARG B 397 10.33 88.32 69.88
N MET B 398 10.79 89.56 70.04
CA MET B 398 10.77 90.25 71.32
C MET B 398 9.35 90.46 71.84
N LEU B 399 9.16 90.24 73.13
CA LEU B 399 7.94 90.63 73.82
C LEU B 399 8.22 91.85 74.69
N SER B 400 9.26 91.73 75.53
CA SER B 400 9.77 92.86 76.30
C SER B 400 11.28 92.83 76.21
N SER B 401 11.94 93.74 76.95
CA SER B 401 13.39 93.74 76.98
C SER B 401 13.95 92.51 77.71
N THR B 402 13.06 91.76 78.35
CA THR B 402 13.48 90.60 79.14
C THR B 402 12.80 89.29 78.78
N THR B 403 11.86 89.32 77.85
CA THR B 403 11.11 88.11 77.47
C THR B 403 10.89 88.01 75.97
N ILE B 404 11.00 86.78 75.45
CA ILE B 404 10.76 86.53 74.03
C ILE B 404 9.76 85.41 73.80
N LEU B 405 9.20 85.37 72.60
CA LEU B 405 8.26 84.33 72.21
C LEU B 405 8.84 83.44 71.13
N VAL B 406 8.93 82.14 71.42
CA VAL B 406 9.48 81.19 70.47
C VAL B 406 8.40 80.21 70.00
N GLN B 407 8.33 80.01 68.68
CA GLN B 407 7.39 79.04 68.13
C GLN B 407 8.01 78.24 67.00
N TRP B 408 7.37 77.12 66.67
CA TRP B 408 7.88 76.19 65.69
C TRP B 408 6.74 75.33 65.16
N LYS B 409 7.04 74.51 64.16
CA LYS B 409 6.07 73.53 63.67
C LYS B 409 6.66 72.13 63.86
N GLU B 410 5.79 71.14 63.98
CA GLU B 410 6.21 69.77 64.21
C GLU B 410 7.18 69.28 63.14
N PRO B 411 8.22 68.54 63.56
CA PRO B 411 9.14 67.91 62.61
C PRO B 411 8.37 67.01 61.64
N GLU B 412 8.82 66.92 60.40
CA GLU B 412 8.16 66.08 59.42
C GLU B 412 8.42 64.60 59.66
N GLU B 413 9.46 64.30 60.42
CA GLU B 413 9.83 62.92 60.70
C GLU B 413 9.94 62.61 62.19
N PRO B 414 8.80 62.63 62.90
CA PRO B 414 8.82 62.43 64.36
C PRO B 414 9.24 61.01 64.77
N ASN B 415 8.88 60.02 63.95
CA ASN B 415 9.21 58.62 64.20
C ASN B 415 8.70 58.11 65.54
N GLY B 416 7.64 58.74 66.04
CA GLY B 416 7.09 58.39 67.33
C GLY B 416 6.19 59.47 67.86
N GLN B 417 5.63 59.24 69.04
CA GLN B 417 4.81 60.26 69.68
C GLN B 417 5.73 61.36 70.21
N ILE B 418 5.48 62.61 69.81
CA ILE B 418 6.22 63.72 70.36
C ILE B 418 5.87 63.94 71.83
N GLN B 419 6.84 63.72 72.71
CA GLN B 419 6.62 63.87 74.14
C GLN B 419 6.85 65.32 74.55
N GLY B 420 7.67 66.02 73.79
CA GLY B 420 7.94 67.42 74.06
C GLY B 420 9.04 68.01 73.21
N TYR B 421 9.46 69.22 73.56
CA TYR B 421 10.53 69.91 72.86
C TYR B 421 11.50 70.50 73.87
N ARG B 422 12.73 70.76 73.43
CA ARG B 422 13.69 71.46 74.28
C ARG B 422 14.22 72.70 73.57
N VAL B 423 14.09 73.84 74.23
CA VAL B 423 14.50 75.11 73.65
C VAL B 423 15.85 75.57 74.19
N TYR B 424 16.83 75.67 73.30
CA TYR B 424 18.16 76.10 73.67
C TYR B 424 18.37 77.55 73.28
N TYR B 425 18.93 78.34 74.19
CA TYR B 425 19.15 79.76 73.93
C TYR B 425 20.39 80.25 74.66
N THR B 426 21.07 81.23 74.07
CA THR B 426 22.30 81.76 74.62
C THR B 426 22.69 83.09 73.97
N MET B 427 23.60 83.80 74.62
CA MET B 427 24.17 85.01 74.04
C MET B 427 25.49 84.68 73.33
N ASP B 428 25.95 83.45 73.49
CA ASP B 428 27.17 82.97 72.86
C ASP B 428 26.92 81.66 72.11
N PRO B 429 26.60 81.75 70.80
CA PRO B 429 26.26 80.56 70.01
C PRO B 429 27.47 79.69 69.63
N THR B 430 28.65 80.05 70.11
CA THR B 430 29.85 79.25 69.86
C THR B 430 30.04 78.16 70.90
N GLN B 431 29.32 78.25 72.00
CA GLN B 431 29.32 77.21 73.01
C GLN B 431 28.76 75.91 72.45
N HIS B 432 29.12 74.78 73.05
CA HIS B 432 28.43 73.54 72.78
C HIS B 432 26.99 73.66 73.25
N VAL B 433 26.08 73.03 72.53
CA VAL B 433 24.64 73.15 72.79
C VAL B 433 24.26 72.70 74.21
N ASN B 434 25.02 71.76 74.76
CA ASN B 434 24.77 71.30 76.12
C ASN B 434 25.14 72.34 77.18
N ASN B 435 25.86 73.39 76.77
CA ASN B 435 26.16 74.50 77.68
C ASN B 435 25.31 75.74 77.45
N TRP B 436 24.37 75.67 76.51
CA TRP B 436 23.38 76.74 76.37
C TRP B 436 22.41 76.68 77.54
N MET B 437 21.61 77.72 77.73
CA MET B 437 20.48 77.60 78.64
C MET B 437 19.39 76.79 77.95
N LYS B 438 18.60 76.08 78.75
CA LYS B 438 17.65 75.13 78.21
C LYS B 438 16.27 75.29 78.81
N HIS B 439 15.24 75.14 77.98
CA HIS B 439 13.87 75.27 78.44
C HIS B 439 13.00 74.12 77.91
N ASN B 440 12.64 73.20 78.79
CA ASN B 440 11.82 72.05 78.42
C ASN B 440 10.33 72.35 78.40
N VAL B 441 9.66 71.90 77.35
CA VAL B 441 8.23 72.13 77.18
C VAL B 441 7.57 70.84 76.73
N ALA B 442 6.33 70.61 77.14
CA ALA B 442 5.57 69.45 76.67
C ALA B 442 5.24 69.58 75.19
N ASP B 443 4.44 68.65 74.67
CA ASP B 443 4.00 68.74 73.27
C ASP B 443 3.24 70.03 73.03
N SER B 444 3.87 70.93 72.27
CA SER B 444 3.28 72.21 71.92
C SER B 444 4.13 72.84 70.84
N GLN B 445 3.66 73.95 70.28
CA GLN B 445 4.36 74.57 69.17
C GLN B 445 4.83 75.97 69.50
N ILE B 446 4.68 76.38 70.76
CA ILE B 446 5.05 77.75 71.14
C ILE B 446 5.30 77.90 72.65
N THR B 447 6.25 78.77 73.00
CA THR B 447 6.53 79.08 74.41
C THR B 447 7.10 80.48 74.60
N THR B 448 7.06 80.97 75.84
CA THR B 448 7.68 82.24 76.19
C THR B 448 8.88 82.01 77.10
N ILE B 449 9.91 82.82 76.96
CA ILE B 449 11.09 82.74 77.83
C ILE B 449 11.47 84.11 78.39
N GLY B 450 11.54 84.21 79.72
CA GLY B 450 11.82 85.47 80.36
C GLY B 450 13.17 85.51 81.06
N ASN B 451 13.36 86.53 81.91
CA ASN B 451 14.61 86.73 82.65
C ASN B 451 15.83 86.85 81.74
N LEU B 452 15.61 87.39 80.54
CA LEU B 452 16.70 87.62 79.61
C LEU B 452 17.28 89.00 79.87
N VAL B 453 18.53 89.22 79.49
CA VAL B 453 19.14 90.52 79.68
C VAL B 453 18.95 91.34 78.40
N PRO B 454 18.45 92.58 78.56
CA PRO B 454 18.02 93.47 77.47
C PRO B 454 19.12 93.83 76.48
N GLN B 455 18.71 94.11 75.24
CA GLN B 455 19.60 94.67 74.24
C GLN B 455 20.76 93.72 73.90
N LYS B 456 20.42 92.44 73.83
CA LYS B 456 21.38 91.38 73.51
C LYS B 456 20.87 90.47 72.39
N THR B 457 21.78 89.95 71.58
CA THR B 457 21.43 88.97 70.57
C THR B 457 21.43 87.56 71.16
N TYR B 458 20.26 86.94 71.19
CA TYR B 458 20.14 85.55 71.61
C TYR B 458 20.01 84.62 70.42
N SER B 459 20.83 83.58 70.41
CA SER B 459 20.72 82.51 69.42
C SER B 459 19.85 81.38 69.95
N VAL B 460 18.97 80.85 69.11
CA VAL B 460 17.98 79.87 69.56
C VAL B 460 17.96 78.61 68.70
N LYS B 461 17.96 77.45 69.36
CA LYS B 461 17.82 76.17 68.66
C LYS B 461 16.77 75.29 69.36
N VAL B 462 16.01 74.55 68.56
CA VAL B 462 14.93 73.70 69.09
C VAL B 462 15.00 72.29 68.52
N LEU B 463 14.80 71.30 69.40
CA LEU B 463 14.66 69.90 68.98
C LEU B 463 13.36 69.29 69.51
N ALA B 464 12.92 68.19 68.87
CA ALA B 464 11.81 67.40 69.40
C ALA B 464 12.33 66.11 70.01
N PHE B 465 11.60 65.55 70.96
CA PHE B 465 11.95 64.22 71.45
C PHE B 465 10.72 63.33 71.62
N THR B 466 10.92 62.04 71.33
CA THR B 466 9.92 61.02 71.60
C THR B 466 10.32 60.25 72.85
N SER B 467 9.63 59.15 73.12
CA SER B 467 10.01 58.27 74.21
C SER B 467 11.43 57.71 74.02
N ILE B 468 11.85 57.61 72.76
CA ILE B 468 13.16 57.07 72.43
C ILE B 468 14.32 58.03 72.73
N GLY B 469 14.20 59.28 72.31
CA GLY B 469 15.29 60.24 72.50
C GLY B 469 15.12 61.56 71.77
N ASP B 470 16.16 62.38 71.84
CA ASP B 470 16.17 63.70 71.19
C ASP B 470 16.31 63.63 69.68
N GLY B 471 15.57 64.47 68.98
CA GLY B 471 15.76 64.65 67.55
C GLY B 471 16.84 65.66 67.26
N PRO B 472 17.01 66.03 65.98
CA PRO B 472 18.00 67.04 65.60
C PRO B 472 17.57 68.47 65.93
N LEU B 473 18.54 69.34 66.22
CA LEU B 473 18.27 70.75 66.48
C LEU B 473 18.11 71.56 65.21
N SER B 474 17.14 72.47 65.23
CA SER B 474 16.98 73.46 64.16
C SER B 474 18.22 74.32 64.04
N SER B 475 18.49 74.81 62.83
CA SER B 475 19.61 75.74 62.62
C SER B 475 19.32 77.05 63.34
N ASP B 476 20.37 77.73 63.78
CA ASP B 476 20.23 78.91 64.63
C ASP B 476 19.43 80.06 64.02
N ILE B 477 18.50 80.59 64.80
CA ILE B 477 17.89 81.88 64.49
C ILE B 477 18.33 82.86 65.57
N GLN B 478 18.21 84.15 65.28
CA GLN B 478 18.57 85.16 66.27
C GLN B 478 17.41 86.09 66.57
N VAL B 479 17.32 86.51 67.83
CA VAL B 479 16.31 87.47 68.23
C VAL B 479 16.97 88.46 69.18
N ILE B 480 16.58 89.73 69.06
CA ILE B 480 17.21 90.78 69.85
C ILE B 480 16.23 91.39 70.85
N THR B 481 16.66 91.45 72.11
CA THR B 481 15.82 91.97 73.18
C THR B 481 15.86 93.49 73.23
#